data_6O73
#
_entry.id   6O73
#
_cell.length_a   154.284
_cell.length_b   154.284
_cell.length_c   182.418
_cell.angle_alpha   90.00
_cell.angle_beta   90.00
_cell.angle_gamma   120.00
#
_symmetry.space_group_name_H-M   'P 65 2 2'
#
loop_
_entity.id
_entity.type
_entity.pdbx_description
1 polymer Csm1
2 polymer Csm4
3 non-polymer 'NICKEL (II) ION'
#
loop_
_entity_poly.entity_id
_entity_poly.type
_entity_poly.pdbx_seq_one_letter_code
_entity_poly.pdbx_strand_id
1 'polypeptide(L)'
;MGSSHHHHHHSQDPMEIDELTALGGLLHDIGKPVQRAGLYSGDHSTQGARFLRDLAENTGRAEYELLSLFSEFHHKGHMK
NDELMIRRIKELSPERFGLTMEDVLNALWIVYEADNLASGEREEGQPQASRPLYSVFNPGKAYPWAELDFEKELPVPGDV
FSIRSQDYRELVKRLWEELSKAKLRSDRLLPVLEKYLTFVSSVTSEGNIISLYDHMRMTSAIALAMLRAGCTAEDVRSGR
CRKEKRFLLIEGDFSGIQDFIYRVSGKGTLKYLRARSAYLELIGWDVVLEILSRLGLTRANVVFNAGGHFMIIAQNTPDA
VKELEEIRAKAVEWLYREFESDLYLAIEWEPVSGREFGREGGKNLFAEARKRLKHKLTVRKLKRFGEIKGLFEHGHTERL
AECPVCGRELPEGKLEPSASDPETKVCPTCNRLVSLGGNLPKLLGFGRTAKNDAGVLVEGPFSGFVPYLQGGRPVGEQIL
VKNTLNPGEIPESAQFVPYFVADYFKKDPKGGVATFEELSMASTGTRRLGVMKGDVDRLGEFFSSMDSPSKLATASRFMD
YFFKGYIGAIIEGKFGYIIGDVPSLRDWPEEPDIVVVYAGGDDFFIVGAWDQIFELAFRVRRAFNAYTGGKLTLSVGLGY
FDERTPIYRMADVVSERLDTAKDEGRNRVFVVGRSRPLDGKHKLSYEWNHYEELWRTYAPRIYAGNGRLKGKLESKKGLL
WKLLEIRELYVRDPNDVRWAYLTAYLLGRHGLSDLFPELVGIDTKAVERKEPQPVYWVDGVLKIVLMAVRR
;
A
2 'polypeptide(L)'
;MPKFIAVKLIPKGPFRDIPRADTLFGAIGNAISAIHGQSAVEELVDAFVGGARISSAFPYSGDTYYLPKPLSVEPALEGI
LTGLDEEERYTTAKRLRKAKYLDLKNFELALRLRPFTIPEEIPYARVDVPRVVLDRVTQDSSIYFWEEIRFREKSGVYFL
YSGPREVFDGYIAPAMRFLGDTGIGGKSTWGAGLFEVEFHEMKIDAPGSEYSVTLSNALPTKTPVLWRLLRKGGWSFGRR
KPRMTFIAEGSIVKNDPGGMERLELGLSHEVYVYGLTFPLGVELPEGLE
;
B
#
loop_
_chem_comp.id
_chem_comp.type
_chem_comp.name
_chem_comp.formula
NI non-polymer 'NICKEL (II) ION' 'Ni 2'
#
# COMPACT_ATOMS: atom_id res chain seq x y z
N MET A 15 -28.25 29.28 8.04
CA MET A 15 -27.56 28.59 6.91
C MET A 15 -26.58 29.56 6.22
N GLU A 16 -25.53 29.02 5.61
CA GLU A 16 -24.63 29.75 4.69
C GLU A 16 -24.62 29.02 3.35
N ILE A 17 -24.17 29.69 2.29
CA ILE A 17 -24.22 29.17 0.89
C ILE A 17 -23.35 27.91 0.82
N ASP A 18 -22.29 27.85 1.64
CA ASP A 18 -21.30 26.74 1.70
C ASP A 18 -22.01 25.46 2.15
N GLU A 19 -22.51 25.42 3.39
CA GLU A 19 -23.18 24.22 3.98
C GLU A 19 -24.41 23.85 3.16
N LEU A 20 -25.09 24.82 2.53
CA LEU A 20 -26.37 24.56 1.82
C LEU A 20 -26.09 23.73 0.55
N THR A 21 -25.12 24.15 -0.26
CA THR A 21 -24.75 23.47 -1.53
C THR A 21 -24.26 22.05 -1.25
N ALA A 22 -23.49 21.83 -0.17
CA ALA A 22 -22.97 20.51 0.24
C ALA A 22 -24.16 19.56 0.51
N LEU A 23 -25.11 19.99 1.35
CA LEU A 23 -26.35 19.22 1.67
C LEU A 23 -27.20 19.13 0.40
N GLY A 24 -27.17 20.17 -0.43
CA GLY A 24 -27.83 20.20 -1.76
C GLY A 24 -27.48 18.99 -2.61
N GLY A 25 -26.22 18.92 -3.07
CA GLY A 25 -25.66 17.79 -3.84
C GLY A 25 -25.90 16.46 -3.15
N LEU A 26 -25.92 16.45 -1.81
CA LEU A 26 -25.94 15.21 -0.98
C LEU A 26 -27.34 14.59 -1.01
N LEU A 27 -28.39 15.36 -1.31
CA LEU A 27 -29.80 14.89 -1.28
C LEU A 27 -30.48 15.06 -2.65
N HIS A 28 -29.81 15.64 -3.65
CA HIS A 28 -30.36 15.81 -5.02
C HIS A 28 -31.14 14.54 -5.40
N ASP A 29 -30.57 13.36 -5.16
CA ASP A 29 -31.12 12.06 -5.64
C ASP A 29 -31.61 11.18 -4.48
N ILE A 30 -32.01 11.75 -3.33
CA ILE A 30 -32.73 10.98 -2.28
C ILE A 30 -34.19 10.77 -2.72
N GLY A 31 -34.55 11.26 -3.90
CA GLY A 31 -35.85 10.98 -4.54
C GLY A 31 -35.93 9.56 -5.08
N LYS A 32 -34.80 8.91 -5.34
CA LYS A 32 -34.73 7.57 -5.99
C LYS A 32 -35.20 6.48 -5.01
N PRO A 33 -34.80 6.49 -3.72
CA PRO A 33 -35.26 5.44 -2.79
C PRO A 33 -36.77 5.45 -2.50
N VAL A 34 -37.43 6.60 -2.71
CA VAL A 34 -38.87 6.78 -2.34
C VAL A 34 -39.77 6.49 -3.56
N GLN A 35 -39.32 6.84 -4.78
CA GLN A 35 -40.02 6.47 -6.05
C GLN A 35 -40.22 4.95 -6.08
N ARG A 36 -39.14 4.18 -5.86
CA ARG A 36 -39.14 2.70 -6.02
C ARG A 36 -39.88 2.03 -4.85
N ALA A 37 -40.02 2.72 -3.71
CA ALA A 37 -40.89 2.31 -2.58
C ALA A 37 -42.35 2.56 -2.94
N GLY A 38 -42.60 3.50 -3.86
CA GLY A 38 -43.96 3.97 -4.23
C GLY A 38 -44.68 4.56 -3.04
N LEU A 39 -44.26 5.75 -2.58
CA LEU A 39 -44.96 6.51 -1.51
C LEU A 39 -45.79 7.65 -2.15
N TYR A 40 -45.21 8.41 -3.09
CA TYR A 40 -45.76 9.69 -3.62
C TYR A 40 -45.86 9.68 -5.15
N SER A 41 -45.79 8.52 -5.79
CA SER A 41 -46.16 8.23 -7.20
C SER A 41 -45.91 9.40 -8.15
N GLY A 42 -44.73 10.03 -8.09
CA GLY A 42 -44.21 10.96 -9.12
C GLY A 42 -42.85 10.50 -9.61
N ASP A 43 -42.27 11.18 -10.61
CA ASP A 43 -40.85 10.94 -11.01
C ASP A 43 -39.99 11.29 -9.80
N HIS A 44 -38.77 10.74 -9.72
CA HIS A 44 -37.90 10.83 -8.51
C HIS A 44 -37.59 12.31 -8.19
N SER A 45 -37.44 13.15 -9.22
CA SER A 45 -37.29 14.63 -9.09
C SER A 45 -38.41 15.18 -8.19
N THR A 46 -39.67 15.02 -8.61
CA THR A 46 -40.88 15.42 -7.84
C THR A 46 -40.89 14.71 -6.48
N GLN A 47 -40.83 13.38 -6.49
CA GLN A 47 -41.12 12.51 -5.31
C GLN A 47 -40.09 12.76 -4.20
N GLY A 48 -38.88 13.22 -4.54
CA GLY A 48 -37.80 13.51 -3.59
C GLY A 48 -38.00 14.83 -2.88
N ALA A 49 -38.65 15.79 -3.55
CA ALA A 49 -39.02 17.11 -2.99
C ALA A 49 -40.13 16.93 -1.94
N ARG A 50 -41.17 16.15 -2.28
CA ARG A 50 -42.29 15.88 -1.35
C ARG A 50 -41.78 15.11 -0.13
N PHE A 51 -40.70 14.34 -0.27
CA PHE A 51 -40.10 13.57 0.86
C PHE A 51 -39.47 14.53 1.88
N LEU A 52 -38.71 15.53 1.41
CA LEU A 52 -37.95 16.47 2.28
C LEU A 52 -38.89 17.52 2.89
N ARG A 53 -39.71 18.17 2.06
CA ARG A 53 -40.72 19.17 2.49
C ARG A 53 -41.67 18.52 3.51
N ASP A 54 -42.11 17.29 3.23
CA ASP A 54 -42.82 16.41 4.18
C ASP A 54 -42.03 16.38 5.50
N LEU A 55 -40.75 15.98 5.41
CA LEU A 55 -39.85 15.72 6.57
C LEU A 55 -39.62 17.02 7.35
N ALA A 56 -39.31 18.13 6.66
CA ALA A 56 -39.13 19.48 7.26
C ALA A 56 -40.30 19.78 8.20
N GLU A 57 -41.53 19.67 7.70
CA GLU A 57 -42.78 19.89 8.49
C GLU A 57 -42.67 19.10 9.80
N ASN A 58 -42.24 17.84 9.74
CA ASN A 58 -42.12 16.97 10.93
C ASN A 58 -40.81 17.30 11.66
N THR A 59 -40.87 17.34 12.99
CA THR A 59 -39.82 17.85 13.90
C THR A 59 -39.72 19.38 13.75
N GLY A 60 -40.25 19.94 12.65
CA GLY A 60 -40.31 21.39 12.39
C GLY A 60 -38.92 21.98 12.23
N ARG A 61 -38.16 21.48 11.24
CA ARG A 61 -36.81 21.96 10.89
C ARG A 61 -36.88 22.58 9.49
N ALA A 62 -36.94 23.91 9.44
CA ALA A 62 -37.33 24.73 8.27
C ALA A 62 -36.41 24.48 7.07
N GLU A 63 -35.17 24.05 7.31
CA GLU A 63 -34.07 24.06 6.31
C GLU A 63 -34.21 22.88 5.34
N TYR A 64 -34.93 21.82 5.72
CA TYR A 64 -35.20 20.64 4.86
C TYR A 64 -36.09 21.05 3.67
N GLU A 65 -37.08 21.91 3.94
CA GLU A 65 -37.99 22.49 2.92
C GLU A 65 -37.16 23.32 1.94
N LEU A 66 -35.99 23.81 2.37
CA LEU A 66 -35.06 24.57 1.50
C LEU A 66 -34.23 23.60 0.64
N LEU A 67 -33.84 22.45 1.18
CA LEU A 67 -33.06 21.42 0.42
C LEU A 67 -33.98 20.64 -0.52
N SER A 68 -35.30 20.70 -0.32
CA SER A 68 -36.31 19.95 -1.13
C SER A 68 -36.26 20.40 -2.60
N LEU A 69 -35.80 21.63 -2.87
CA LEU A 69 -35.78 22.21 -4.23
C LEU A 69 -34.79 21.46 -5.14
N PHE A 70 -33.91 20.63 -4.57
CA PHE A 70 -32.74 20.05 -5.28
C PHE A 70 -33.10 18.79 -6.07
N SER A 71 -34.24 18.15 -5.80
CA SER A 71 -34.75 17.01 -6.60
C SER A 71 -35.29 17.54 -7.94
N GLU A 72 -36.08 18.62 -7.90
CA GLU A 72 -36.69 19.29 -9.09
C GLU A 72 -35.57 19.80 -10.02
N ASN A 81 -37.74 26.89 -17.94
CA ASN A 81 -37.41 28.34 -18.10
C ASN A 81 -37.37 29.06 -16.74
N ASP A 82 -37.34 28.31 -15.64
CA ASP A 82 -36.98 28.77 -14.27
C ASP A 82 -38.05 29.70 -13.68
N GLU A 83 -39.22 29.78 -14.31
CA GLU A 83 -40.29 30.74 -13.89
C GLU A 83 -40.75 30.34 -12.48
N LEU A 84 -41.25 29.11 -12.34
CA LEU A 84 -41.87 28.61 -11.08
C LEU A 84 -40.80 28.49 -10.00
N MET A 85 -39.56 28.14 -10.38
CA MET A 85 -38.44 27.87 -9.43
C MET A 85 -38.13 29.14 -8.63
N ILE A 86 -37.97 30.29 -9.30
CA ILE A 86 -37.65 31.60 -8.65
C ILE A 86 -38.78 31.96 -7.67
N ARG A 87 -40.03 31.61 -8.01
CA ARG A 87 -41.23 31.88 -7.18
C ARG A 87 -41.31 30.90 -6.00
N ARG A 88 -40.97 29.62 -6.23
CA ARG A 88 -40.94 28.57 -5.18
C ARG A 88 -39.81 28.84 -4.19
N ILE A 89 -38.74 29.51 -4.65
CA ILE A 89 -37.64 30.00 -3.77
C ILE A 89 -38.10 31.28 -3.06
N LYS A 90 -38.72 32.22 -3.79
CA LYS A 90 -39.27 33.48 -3.23
C LYS A 90 -40.30 33.11 -2.15
N GLU A 91 -41.18 32.13 -2.43
CA GLU A 91 -42.13 31.55 -1.47
C GLU A 91 -41.41 31.27 -0.15
N LEU A 92 -40.22 30.67 -0.22
CA LEU A 92 -39.37 30.36 0.96
C LEU A 92 -38.49 31.58 1.28
N SER A 93 -38.51 32.00 2.55
CA SER A 93 -37.74 33.14 3.09
C SER A 93 -36.25 32.82 3.04
N PRO A 94 -35.46 33.34 2.05
CA PRO A 94 -34.02 33.12 2.07
C PRO A 94 -33.37 33.93 3.22
N GLU A 95 -34.03 35.02 3.64
CA GLU A 95 -33.62 35.91 4.76
C GLU A 95 -33.65 35.13 6.09
N ARG A 96 -34.69 34.30 6.29
CA ARG A 96 -34.92 33.50 7.52
C ARG A 96 -33.67 32.68 7.84
N PHE A 97 -32.84 32.36 6.84
CA PHE A 97 -31.66 31.46 6.96
C PHE A 97 -30.34 32.26 6.92
N GLY A 98 -30.25 33.28 6.06
CA GLY A 98 -29.05 34.12 5.87
C GLY A 98 -28.55 34.10 4.43
N LEU A 99 -29.40 33.65 3.50
CA LEU A 99 -29.02 33.42 2.08
C LEU A 99 -29.79 34.41 1.19
N THR A 100 -29.20 34.75 0.05
CA THR A 100 -29.82 35.54 -1.04
C THR A 100 -30.69 34.59 -1.87
N MET A 101 -31.58 35.14 -2.67
CA MET A 101 -32.34 34.38 -3.70
C MET A 101 -31.40 34.04 -4.85
N GLU A 102 -30.67 35.04 -5.37
CA GLU A 102 -29.70 34.89 -6.50
C GLU A 102 -28.58 33.92 -6.10
N ASP A 103 -28.32 33.78 -4.78
CA ASP A 103 -27.48 32.71 -4.19
C ASP A 103 -28.06 31.34 -4.57
N VAL A 104 -29.25 31.04 -4.04
CA VAL A 104 -29.89 29.68 -4.08
C VAL A 104 -30.07 29.23 -5.53
N LEU A 105 -30.14 30.16 -6.49
CA LEU A 105 -30.26 29.85 -7.95
C LEU A 105 -28.95 29.22 -8.46
N ASN A 106 -27.80 29.65 -7.94
CA ASN A 106 -26.48 29.07 -8.29
C ASN A 106 -26.36 27.70 -7.61
N ALA A 107 -26.69 27.63 -6.32
CA ALA A 107 -26.70 26.38 -5.51
C ALA A 107 -27.44 25.27 -6.28
N LEU A 108 -28.55 25.59 -6.94
CA LEU A 108 -29.38 24.61 -7.70
C LEU A 108 -28.69 24.25 -9.02
N TRP A 109 -28.20 25.23 -9.79
CA TRP A 109 -27.54 24.98 -11.10
C TRP A 109 -26.21 24.25 -10.89
N ILE A 110 -25.42 24.67 -9.89
CA ILE A 110 -24.14 24.02 -9.51
C ILE A 110 -24.43 22.55 -9.18
N VAL A 111 -25.30 22.29 -8.20
CA VAL A 111 -25.69 20.92 -7.75
C VAL A 111 -26.32 20.16 -8.92
N TYR A 112 -26.95 20.87 -9.87
CA TYR A 112 -27.52 20.25 -11.10
C TYR A 112 -26.38 19.70 -11.97
N GLU A 113 -25.38 20.54 -12.27
CA GLU A 113 -24.23 20.22 -13.17
C GLU A 113 -23.37 19.10 -12.57
N ALA A 114 -23.10 19.17 -11.25
CA ALA A 114 -22.25 18.19 -10.52
C ALA A 114 -22.83 16.78 -10.65
N ASP A 115 -24.15 16.63 -10.66
CA ASP A 115 -24.85 15.32 -10.82
C ASP A 115 -24.48 14.71 -12.18
N ASN A 116 -24.27 15.56 -13.19
CA ASN A 116 -23.75 15.13 -14.52
C ASN A 116 -22.30 14.68 -14.34
N LEU A 117 -21.47 15.53 -13.72
CA LEU A 117 -20.00 15.34 -13.56
C LEU A 117 -19.70 14.07 -12.76
N ALA A 118 -20.47 13.77 -11.71
CA ALA A 118 -20.22 12.62 -10.81
C ALA A 118 -20.35 11.31 -11.62
N SER A 119 -21.59 10.93 -11.96
CA SER A 119 -21.99 9.90 -12.95
C SER A 119 -20.78 9.47 -13.81
N PRO A 127 -33.98 0.40 -17.53
CA PRO A 127 -34.27 0.85 -16.15
C PRO A 127 -35.56 0.23 -15.59
N GLN A 128 -35.54 -0.16 -14.31
CA GLN A 128 -36.69 -0.78 -13.59
C GLN A 128 -36.54 -0.55 -12.08
N ALA A 129 -37.65 -0.34 -11.37
CA ALA A 129 -37.67 -0.01 -9.92
C ALA A 129 -37.51 -1.27 -9.06
N SER A 130 -36.71 -2.25 -9.48
CA SER A 130 -36.40 -3.47 -8.69
C SER A 130 -34.95 -3.96 -8.92
N ARG A 131 -34.29 -3.55 -10.01
CA ARG A 131 -32.93 -4.01 -10.39
C ARG A 131 -31.97 -3.71 -9.24
N PRO A 132 -31.13 -4.68 -8.81
CA PRO A 132 -30.23 -4.46 -7.68
C PRO A 132 -28.93 -3.77 -8.12
N LEU A 133 -28.06 -3.49 -7.16
CA LEU A 133 -26.72 -2.89 -7.40
C LEU A 133 -25.80 -3.96 -7.98
N TYR A 134 -25.25 -3.71 -9.17
CA TYR A 134 -24.30 -4.62 -9.86
C TYR A 134 -22.89 -4.34 -9.33
N SER A 135 -22.22 -5.40 -8.85
CA SER A 135 -20.90 -5.35 -8.15
C SER A 135 -19.84 -4.75 -9.07
N VAL A 136 -19.10 -3.76 -8.54
CA VAL A 136 -17.96 -3.09 -9.24
C VAL A 136 -16.90 -4.13 -9.61
N PHE A 137 -16.69 -5.13 -8.75
CA PHE A 137 -15.73 -6.24 -8.96
C PHE A 137 -16.18 -7.06 -10.17
N ASN A 138 -17.42 -7.54 -10.12
CA ASN A 138 -18.05 -8.34 -11.21
C ASN A 138 -19.39 -7.71 -11.56
N PRO A 139 -19.48 -6.83 -12.58
CA PRO A 139 -20.75 -6.25 -13.00
C PRO A 139 -21.81 -7.27 -13.47
N GLY A 140 -21.45 -8.55 -13.59
CA GLY A 140 -22.37 -9.65 -13.97
C GLY A 140 -23.14 -10.18 -12.78
N LYS A 141 -22.62 -9.96 -11.56
CA LYS A 141 -23.27 -10.36 -10.28
C LYS A 141 -23.80 -9.08 -9.64
N ALA A 142 -24.49 -9.21 -8.50
CA ALA A 142 -25.23 -8.10 -7.86
C ALA A 142 -25.45 -8.41 -6.38
N TYR A 143 -25.68 -7.36 -5.59
CA TYR A 143 -25.76 -7.51 -4.12
C TYR A 143 -27.20 -7.69 -3.71
N PRO A 144 -27.46 -8.63 -2.77
CA PRO A 144 -28.76 -8.77 -2.14
C PRO A 144 -28.99 -7.49 -1.34
N TRP A 145 -30.20 -6.91 -1.40
CA TRP A 145 -30.51 -5.70 -0.59
C TRP A 145 -30.35 -6.08 0.89
N ALA A 146 -29.26 -5.62 1.50
CA ALA A 146 -29.04 -5.54 2.96
C ALA A 146 -28.29 -4.25 3.26
N GLU A 147 -28.34 -3.78 4.50
CA GLU A 147 -27.66 -2.52 4.91
C GLU A 147 -26.31 -2.90 5.53
N LEU A 148 -25.36 -1.95 5.46
CA LEU A 148 -23.94 -2.15 5.78
C LEU A 148 -23.81 -2.51 7.27
N ASP A 149 -23.22 -3.67 7.56
CA ASP A 149 -22.99 -4.16 8.94
C ASP A 149 -21.88 -5.21 8.90
N PHE A 150 -20.67 -4.84 9.35
CA PHE A 150 -19.45 -5.70 9.37
C PHE A 150 -19.66 -6.91 10.28
N GLU A 151 -20.49 -6.78 11.32
CA GLU A 151 -20.73 -7.86 12.30
C GLU A 151 -21.57 -8.96 11.63
N LYS A 152 -22.50 -8.59 10.75
CA LYS A 152 -23.58 -9.53 10.34
C LYS A 152 -23.10 -10.45 9.21
N GLU A 153 -23.00 -9.95 7.97
CA GLU A 153 -22.66 -10.90 6.89
C GLU A 153 -21.72 -10.27 5.86
N LEU A 154 -21.02 -11.14 5.13
CA LEU A 154 -20.04 -10.72 4.12
C LEU A 154 -20.79 -10.50 2.80
N PRO A 155 -20.74 -9.30 2.21
CA PRO A 155 -21.43 -9.06 0.96
C PRO A 155 -20.78 -9.93 -0.10
N VAL A 156 -21.58 -10.69 -0.85
CA VAL A 156 -20.99 -11.54 -1.93
C VAL A 156 -21.74 -11.23 -3.22
N PRO A 157 -21.12 -10.67 -4.27
CA PRO A 157 -21.85 -10.44 -5.50
C PRO A 157 -22.36 -11.82 -5.93
N GLY A 158 -23.63 -11.91 -6.31
CA GLY A 158 -24.25 -13.19 -6.70
C GLY A 158 -25.38 -13.02 -7.68
N ASP A 159 -26.43 -13.83 -7.50
CA ASP A 159 -27.62 -13.89 -8.37
C ASP A 159 -28.50 -12.65 -8.20
N VAL A 160 -28.91 -12.07 -9.33
CA VAL A 160 -29.81 -10.89 -9.41
C VAL A 160 -31.17 -11.27 -8.81
N PHE A 161 -31.57 -10.59 -7.73
CA PHE A 161 -32.92 -10.66 -7.13
C PHE A 161 -33.59 -9.29 -7.25
N SER A 162 -34.67 -9.22 -8.03
CA SER A 162 -35.56 -8.05 -8.08
C SER A 162 -35.86 -7.61 -6.66
N ILE A 163 -35.61 -6.34 -6.35
CA ILE A 163 -35.83 -5.76 -5.00
C ILE A 163 -37.31 -5.35 -4.94
N ARG A 164 -38.00 -5.79 -3.90
CA ARG A 164 -39.45 -5.50 -3.68
C ARG A 164 -39.59 -4.00 -3.41
N SER A 165 -40.78 -3.45 -3.64
CA SER A 165 -41.14 -2.08 -3.21
C SER A 165 -41.44 -2.08 -1.70
N GLN A 166 -41.74 -3.24 -1.11
CA GLN A 166 -41.90 -3.41 0.37
C GLN A 166 -40.59 -3.07 1.08
N ASP A 167 -39.47 -3.58 0.55
CA ASP A 167 -38.12 -3.45 1.17
C ASP A 167 -37.71 -1.98 1.20
N TYR A 168 -37.84 -1.28 0.06
CA TYR A 168 -37.57 0.18 -0.07
C TYR A 168 -38.42 0.97 0.94
N ARG A 169 -39.67 0.55 1.18
CA ARG A 169 -40.59 1.24 2.11
C ARG A 169 -40.11 1.09 3.56
N GLU A 170 -39.56 -0.07 3.92
CA GLU A 170 -38.99 -0.33 5.28
C GLU A 170 -37.63 0.40 5.40
N LEU A 171 -36.91 0.56 4.27
CA LEU A 171 -35.63 1.32 4.21
C LEU A 171 -35.93 2.80 4.47
N VAL A 172 -36.78 3.39 3.63
CA VAL A 172 -37.19 4.83 3.66
C VAL A 172 -37.71 5.20 5.06
N LYS A 173 -38.33 4.26 5.77
CA LYS A 173 -38.88 4.49 7.13
C LYS A 173 -37.73 4.56 8.15
N ARG A 174 -36.66 3.78 7.95
CA ARG A 174 -35.44 3.86 8.80
C ARG A 174 -34.68 5.12 8.38
N LEU A 175 -34.56 5.36 7.08
CA LEU A 175 -34.00 6.62 6.53
C LEU A 175 -34.73 7.80 7.19
N TRP A 176 -36.06 7.82 7.11
CA TRP A 176 -36.94 8.87 7.71
C TRP A 176 -36.54 9.13 9.17
N GLU A 177 -36.56 8.08 10.02
CA GLU A 177 -36.37 8.17 11.50
C GLU A 177 -34.99 8.70 11.85
N GLU A 178 -33.97 8.42 11.02
CA GLU A 178 -32.56 8.81 11.28
C GLU A 178 -32.37 10.29 10.95
N LEU A 179 -32.78 10.71 9.75
CA LEU A 179 -32.72 12.13 9.29
C LEU A 179 -33.58 13.01 10.20
N SER A 180 -34.51 12.41 10.95
CA SER A 180 -35.32 13.09 12.00
C SER A 180 -34.41 13.58 13.14
N LYS A 181 -33.38 12.80 13.50
CA LYS A 181 -32.52 13.03 14.69
C LYS A 181 -31.12 13.53 14.26
N ALA A 182 -30.78 13.45 12.98
CA ALA A 182 -29.47 13.87 12.42
C ALA A 182 -29.37 15.39 12.46
N LYS A 183 -28.20 15.93 12.87
CA LYS A 183 -28.01 17.36 13.20
C LYS A 183 -27.71 18.19 11.95
N LEU A 184 -28.04 17.71 10.75
CA LEU A 184 -28.17 18.54 9.52
C LEU A 184 -26.86 19.27 9.15
N ARG A 185 -25.72 18.87 9.73
CA ARG A 185 -24.38 19.14 9.14
C ARG A 185 -24.07 17.97 8.21
N SER A 186 -23.18 18.18 7.23
CA SER A 186 -22.69 17.13 6.30
C SER A 186 -22.16 15.94 7.11
N ASP A 187 -21.53 16.21 8.26
CA ASP A 187 -20.78 15.20 9.06
C ASP A 187 -21.75 14.17 9.66
N ARG A 188 -22.97 14.56 10.02
CA ARG A 188 -23.97 13.64 10.64
C ARG A 188 -24.84 12.99 9.56
N LEU A 189 -24.90 13.58 8.36
CA LEU A 189 -25.86 13.18 7.30
C LEU A 189 -25.26 12.04 6.48
N LEU A 190 -23.97 12.17 6.11
CA LEU A 190 -23.19 11.13 5.40
C LEU A 190 -23.31 9.78 6.12
N PRO A 191 -23.07 9.68 7.45
CA PRO A 191 -23.14 8.39 8.14
C PRO A 191 -24.46 7.61 8.01
N VAL A 192 -25.60 8.29 7.84
CA VAL A 192 -26.94 7.62 7.71
C VAL A 192 -27.18 7.32 6.22
N LEU A 193 -26.85 8.26 5.32
CA LEU A 193 -26.89 7.98 3.85
C LEU A 193 -26.01 6.77 3.55
N GLU A 194 -24.83 6.68 4.16
CA GLU A 194 -23.88 5.55 3.94
C GLU A 194 -24.48 4.28 4.54
N LYS A 195 -24.93 4.31 5.80
CA LYS A 195 -25.54 3.14 6.47
C LYS A 195 -26.59 2.47 5.57
N TYR A 196 -27.46 3.28 4.94
CA TYR A 196 -28.76 2.80 4.37
C TYR A 196 -28.68 2.68 2.85
N LEU A 197 -28.18 3.70 2.14
CA LEU A 197 -28.26 3.77 0.65
C LEU A 197 -26.98 3.24 0.00
N THR A 198 -26.20 2.44 0.71
CA THR A 198 -24.88 1.95 0.23
C THR A 198 -25.08 0.83 -0.80
N PHE A 199 -26.04 -0.08 -0.55
CA PHE A 199 -26.31 -1.26 -1.41
C PHE A 199 -27.53 -1.00 -2.28
N VAL A 200 -27.53 0.12 -2.98
CA VAL A 200 -28.68 0.64 -3.78
C VAL A 200 -28.15 1.23 -5.08
N SER A 201 -28.70 0.81 -6.22
CA SER A 201 -28.27 1.23 -7.56
C SER A 201 -28.60 2.72 -7.75
N SER A 202 -27.58 3.56 -7.95
CA SER A 202 -27.75 5.01 -8.24
C SER A 202 -28.65 5.19 -9.46
N VAL A 203 -28.50 4.31 -10.46
CA VAL A 203 -29.43 4.14 -11.62
C VAL A 203 -29.72 2.64 -11.75
N THR A 204 -30.95 2.28 -12.12
CA THR A 204 -31.48 0.89 -12.03
C THR A 204 -31.39 0.17 -13.38
N SER A 205 -30.51 0.61 -14.29
CA SER A 205 -30.18 -0.14 -15.53
C SER A 205 -29.33 -1.36 -15.17
N GLU A 206 -29.19 -2.31 -16.09
CA GLU A 206 -28.38 -3.54 -15.89
C GLU A 206 -26.90 -3.18 -15.95
N GLY A 207 -26.08 -3.90 -15.18
CA GLY A 207 -24.61 -3.71 -15.12
C GLY A 207 -24.21 -2.36 -14.55
N ASN A 208 -25.05 -1.75 -13.72
CA ASN A 208 -24.77 -0.44 -13.06
C ASN A 208 -23.99 -0.66 -11.77
N ILE A 209 -22.81 -0.05 -11.69
CA ILE A 209 -21.70 -0.39 -10.75
C ILE A 209 -21.77 0.51 -9.52
N ILE A 210 -22.16 1.77 -9.72
CA ILE A 210 -22.08 2.87 -8.72
C ILE A 210 -23.12 2.62 -7.61
N SER A 211 -22.69 2.65 -6.35
CA SER A 211 -23.60 2.68 -5.18
C SER A 211 -24.17 4.09 -5.04
N LEU A 212 -25.40 4.20 -4.54
CA LEU A 212 -26.13 5.49 -4.42
C LEU A 212 -25.31 6.44 -3.55
N TYR A 213 -24.95 6.02 -2.33
CA TYR A 213 -24.22 6.84 -1.34
C TYR A 213 -22.95 7.46 -1.96
N ASP A 214 -22.26 6.74 -2.83
CA ASP A 214 -20.99 7.21 -3.45
C ASP A 214 -21.32 8.33 -4.45
N HIS A 215 -22.32 8.11 -5.32
CA HIS A 215 -22.78 9.15 -6.29
C HIS A 215 -23.34 10.37 -5.56
N MET A 216 -23.96 10.17 -4.40
CA MET A 216 -24.45 11.28 -3.56
C MET A 216 -23.24 12.09 -3.07
N ARG A 217 -22.26 11.46 -2.41
CA ARG A 217 -21.09 12.16 -1.82
C ARG A 217 -20.22 12.78 -2.93
N MET A 218 -20.06 12.14 -4.09
CA MET A 218 -19.18 12.66 -5.16
C MET A 218 -19.76 13.94 -5.76
N THR A 219 -21.10 14.08 -5.80
CA THR A 219 -21.78 15.34 -6.24
C THR A 219 -21.65 16.39 -5.14
N SER A 220 -21.92 16.00 -3.88
CA SER A 220 -21.74 16.86 -2.69
C SER A 220 -20.31 17.40 -2.66
N ALA A 221 -19.36 16.67 -3.24
CA ALA A 221 -17.94 17.06 -3.36
C ALA A 221 -17.77 17.99 -4.56
N ILE A 222 -18.16 17.54 -5.76
CA ILE A 222 -17.90 18.28 -7.04
C ILE A 222 -18.73 19.57 -7.06
N ALA A 223 -19.92 19.56 -6.45
CA ALA A 223 -20.75 20.78 -6.27
C ALA A 223 -19.97 21.79 -5.42
N LEU A 224 -19.67 21.44 -4.16
CA LEU A 224 -18.94 22.30 -3.19
C LEU A 224 -17.65 22.82 -3.84
N ALA A 225 -17.00 21.99 -4.67
CA ALA A 225 -15.76 22.37 -5.39
C ALA A 225 -16.03 23.60 -6.27
N MET A 226 -17.09 23.58 -7.07
CA MET A 226 -17.44 24.67 -8.03
C MET A 226 -17.79 25.94 -7.25
N LEU A 227 -18.47 25.81 -6.10
CA LEU A 227 -18.85 26.97 -5.25
C LEU A 227 -17.59 27.73 -4.86
N ARG A 228 -16.64 27.05 -4.19
CA ARG A 228 -15.38 27.64 -3.70
C ARG A 228 -14.55 28.13 -4.90
N ALA A 229 -14.73 27.51 -6.07
CA ALA A 229 -14.08 27.90 -7.34
C ALA A 229 -14.71 29.20 -7.88
N GLY A 230 -15.73 29.73 -7.17
CA GLY A 230 -16.32 31.06 -7.43
C GLY A 230 -17.36 31.03 -8.54
N CYS A 231 -17.25 30.09 -9.47
CA CYS A 231 -17.98 30.13 -10.78
C CYS A 231 -19.46 29.86 -10.55
N THR A 232 -20.31 30.44 -11.42
CA THR A 232 -21.77 30.62 -11.20
C THR A 232 -22.46 31.03 -12.50
N ALA A 233 -23.77 30.71 -12.61
CA ALA A 233 -24.65 31.13 -13.72
C ALA A 233 -24.11 30.62 -15.06
N GLU A 234 -23.52 29.42 -15.05
CA GLU A 234 -22.89 28.78 -16.24
C GLU A 234 -23.73 27.57 -16.65
N ASP A 235 -24.40 27.66 -17.80
CA ASP A 235 -25.34 26.61 -18.31
C ASP A 235 -25.40 26.68 -19.84
N GLY A 239 -20.97 26.46 -20.18
CA GLY A 239 -19.97 25.44 -19.80
C GLY A 239 -18.65 26.06 -19.36
N ARG A 240 -18.71 27.09 -18.51
CA ARG A 240 -17.51 27.72 -17.89
C ARG A 240 -16.90 26.70 -16.90
N CYS A 241 -17.70 26.21 -15.95
CA CYS A 241 -17.25 25.25 -14.89
C CYS A 241 -17.33 23.81 -15.41
N ARG A 242 -16.98 23.59 -16.67
CA ARG A 242 -17.12 22.27 -17.32
C ARG A 242 -15.97 22.06 -18.32
N LYS A 243 -15.60 23.09 -19.07
CA LYS A 243 -14.51 23.03 -20.07
C LYS A 243 -13.32 23.89 -19.63
N GLU A 244 -13.47 24.63 -18.53
CA GLU A 244 -12.38 25.38 -17.85
C GLU A 244 -11.88 24.54 -16.67
N LYS A 245 -10.57 24.59 -16.39
CA LYS A 245 -9.94 23.80 -15.32
C LYS A 245 -10.18 24.50 -13.97
N ARG A 246 -11.33 24.24 -13.37
CA ARG A 246 -11.74 24.86 -12.07
C ARG A 246 -11.73 23.82 -10.96
N PHE A 247 -11.19 22.62 -11.22
CA PHE A 247 -11.02 21.53 -10.22
C PHE A 247 -9.55 21.22 -9.98
N LEU A 248 -9.27 20.70 -8.79
CA LEU A 248 -7.97 20.11 -8.38
C LEU A 248 -8.23 18.68 -7.91
N LEU A 249 -7.57 17.72 -8.54
CA LEU A 249 -7.38 16.36 -7.98
C LEU A 249 -6.15 16.38 -7.08
N ILE A 250 -6.37 16.30 -5.77
CA ILE A 250 -5.27 16.21 -4.76
C ILE A 250 -5.03 14.74 -4.45
N GLU A 251 -3.76 14.36 -4.36
CA GLU A 251 -3.35 12.99 -3.96
C GLU A 251 -2.11 13.08 -3.08
N GLY A 252 -2.22 12.57 -1.85
CA GLY A 252 -1.08 12.38 -0.94
C GLY A 252 -0.77 10.91 -0.78
N ASP A 253 0.47 10.52 -1.02
CA ASP A 253 0.99 9.15 -0.73
C ASP A 253 2.11 9.26 0.31
N PHE A 254 2.04 8.44 1.35
CA PHE A 254 3.15 8.20 2.30
C PHE A 254 4.18 7.30 1.60
N SER A 255 5.47 7.67 1.66
CA SER A 255 6.59 6.78 1.27
C SER A 255 7.47 6.50 2.49
N GLY A 256 7.94 5.26 2.62
CA GLY A 256 8.73 4.78 3.77
C GLY A 256 7.85 4.21 4.86
N ILE A 257 6.65 3.75 4.50
CA ILE A 257 5.60 3.32 5.48
C ILE A 257 6.14 2.13 6.28
N GLN A 258 6.73 1.16 5.59
CA GLN A 258 7.25 -0.10 6.22
C GLN A 258 8.53 0.23 6.98
N ASP A 259 9.40 1.06 6.39
CA ASP A 259 10.65 1.57 7.02
C ASP A 259 10.32 2.25 8.35
N PHE A 260 9.07 2.70 8.51
CA PHE A 260 8.58 3.49 9.67
C PHE A 260 7.87 2.59 10.69
N ILE A 261 7.19 1.53 10.24
CA ILE A 261 6.45 0.61 11.15
C ILE A 261 7.40 -0.52 11.57
N TYR A 262 7.98 -1.23 10.60
CA TYR A 262 9.08 -2.22 10.83
C TYR A 262 10.38 -1.45 11.06
N ARG A 263 11.48 -2.16 11.30
CA ARG A 263 12.84 -1.58 11.52
C ARG A 263 12.84 -0.81 12.85
N VAL A 264 12.51 -1.52 13.94
CA VAL A 264 12.33 -0.95 15.31
C VAL A 264 13.43 -1.50 16.23
N SER A 265 14.24 -0.60 16.80
CA SER A 265 15.23 -0.88 17.88
C SER A 265 16.25 -1.93 17.40
N THR A 269 9.14 -5.13 19.39
CA THR A 269 8.04 -5.85 20.08
C THR A 269 6.71 -5.58 19.37
N LEU A 270 5.68 -6.37 19.64
CA LEU A 270 4.42 -6.33 18.86
C LEU A 270 3.60 -5.09 19.26
N LYS A 271 3.43 -4.82 20.56
CA LYS A 271 2.63 -3.68 21.08
C LYS A 271 3.10 -2.37 20.43
N TYR A 272 4.42 -2.21 20.30
CA TYR A 272 5.05 -1.00 19.71
C TYR A 272 4.66 -0.92 18.23
N LEU A 273 4.65 -2.07 17.55
CA LEU A 273 4.52 -2.17 16.07
C LEU A 273 3.11 -1.74 15.65
N ARG A 274 2.08 -2.28 16.30
CA ARG A 274 0.67 -1.83 16.10
C ARG A 274 0.54 -0.35 16.49
N ALA A 275 1.25 0.09 17.54
CA ALA A 275 1.25 1.49 18.03
C ALA A 275 1.74 2.41 16.90
N ARG A 276 2.69 1.96 16.09
CA ARG A 276 3.27 2.74 14.96
C ARG A 276 2.27 2.79 13.80
N SER A 277 1.55 1.68 13.57
CA SER A 277 0.50 1.55 12.53
C SER A 277 -0.62 2.56 12.83
N ALA A 278 -1.27 2.40 13.99
CA ALA A 278 -2.29 3.32 14.56
C ALA A 278 -1.89 4.77 14.32
N TYR A 279 -0.67 5.13 14.69
CA TYR A 279 -0.17 6.54 14.75
C TYR A 279 -0.06 7.10 13.33
N LEU A 280 0.41 6.29 12.37
CA LEU A 280 0.46 6.69 10.94
C LEU A 280 -0.95 6.96 10.42
N GLU A 281 -1.97 6.28 10.96
CA GLU A 281 -3.39 6.55 10.63
C GLU A 281 -3.73 7.99 11.02
N LEU A 282 -3.39 8.39 12.25
CA LEU A 282 -3.75 9.71 12.85
C LEU A 282 -3.06 10.84 12.10
N ILE A 283 -1.77 10.69 11.81
CA ILE A 283 -0.99 11.68 11.01
C ILE A 283 -1.72 11.89 9.68
N GLY A 284 -2.18 10.80 9.06
CA GLY A 284 -2.91 10.81 7.79
C GLY A 284 -4.15 11.70 7.87
N TRP A 285 -5.05 11.39 8.80
CA TRP A 285 -6.28 12.19 9.04
C TRP A 285 -5.88 13.64 9.29
N ASP A 286 -4.87 13.86 10.15
CA ASP A 286 -4.47 15.22 10.61
C ASP A 286 -4.11 16.08 9.41
N VAL A 287 -3.53 15.50 8.35
CA VAL A 287 -3.18 16.25 7.11
C VAL A 287 -4.46 16.34 6.25
N VAL A 288 -5.20 15.25 6.12
CA VAL A 288 -6.46 15.22 5.31
C VAL A 288 -7.44 16.23 5.93
N LEU A 289 -7.68 16.14 7.24
CA LEU A 289 -8.63 17.01 7.99
C LEU A 289 -8.22 18.47 7.88
N GLU A 290 -6.92 18.75 7.97
CA GLU A 290 -6.37 20.12 7.79
C GLU A 290 -6.70 20.62 6.39
N ILE A 291 -6.44 19.83 5.36
CA ILE A 291 -6.71 20.24 3.94
C ILE A 291 -8.21 20.53 3.81
N LEU A 292 -9.06 19.69 4.42
CA LEU A 292 -10.54 19.88 4.39
C LEU A 292 -10.87 21.21 5.08
N SER A 293 -10.53 21.31 6.36
CA SER A 293 -10.66 22.53 7.21
C SER A 293 -10.30 23.77 6.38
N ARG A 294 -9.05 23.86 5.91
CA ARG A 294 -8.45 25.13 5.43
C ARG A 294 -8.92 25.47 4.00
N LEU A 295 -9.56 24.55 3.27
CA LEU A 295 -10.17 24.87 1.94
C LEU A 295 -11.70 25.02 2.06
N GLY A 296 -12.25 24.81 3.25
CA GLY A 296 -13.71 24.91 3.51
C GLY A 296 -14.49 23.80 2.83
N LEU A 297 -13.88 22.61 2.66
CA LEU A 297 -14.55 21.40 2.10
C LEU A 297 -15.14 20.58 3.24
N THR A 298 -15.66 19.41 2.90
CA THR A 298 -16.31 18.43 3.84
C THR A 298 -15.77 17.03 3.52
N ARG A 299 -15.98 16.08 4.44
CA ARG A 299 -15.44 14.70 4.35
C ARG A 299 -15.90 14.02 3.04
N ALA A 300 -17.00 14.48 2.45
CA ALA A 300 -17.50 13.99 1.14
C ALA A 300 -16.42 14.17 0.05
N ASN A 301 -15.55 15.17 0.19
CA ASN A 301 -14.51 15.50 -0.81
C ASN A 301 -13.34 14.51 -0.74
N VAL A 302 -13.28 13.68 0.31
CA VAL A 302 -12.27 12.59 0.46
C VAL A 302 -12.77 11.38 -0.33
N VAL A 303 -12.24 11.20 -1.55
CA VAL A 303 -12.62 10.08 -2.46
C VAL A 303 -12.28 8.76 -1.75
N PHE A 304 -11.05 8.65 -1.25
CA PHE A 304 -10.62 7.54 -0.37
C PHE A 304 -9.52 8.06 0.55
N ASN A 305 -9.27 7.34 1.64
CA ASN A 305 -8.14 7.61 2.56
C ASN A 305 -7.84 6.32 3.34
N ALA A 306 -6.96 5.49 2.78
CA ALA A 306 -6.54 4.20 3.38
C ALA A 306 -5.23 3.74 2.74
N GLY A 307 -4.47 2.93 3.48
CA GLY A 307 -3.17 2.38 3.03
C GLY A 307 -2.17 3.48 2.77
N GLY A 308 -2.21 4.57 3.54
CA GLY A 308 -1.29 5.71 3.41
C GLY A 308 -1.45 6.41 2.06
N HIS A 309 -2.65 6.35 1.49
CA HIS A 309 -3.02 6.99 0.20
C HIS A 309 -4.36 7.70 0.39
N PHE A 310 -4.44 8.99 0.07
CA PHE A 310 -5.69 9.79 0.13
C PHE A 310 -5.83 10.56 -1.19
N MET A 311 -7.08 10.72 -1.64
CA MET A 311 -7.43 11.61 -2.79
C MET A 311 -8.58 12.54 -2.39
N ILE A 312 -8.48 13.79 -2.86
CA ILE A 312 -9.40 14.89 -2.50
C ILE A 312 -9.78 15.64 -3.77
N ILE A 313 -11.06 15.96 -3.91
CA ILE A 313 -11.58 16.86 -4.99
C ILE A 313 -11.84 18.23 -4.38
N ALA A 314 -11.39 19.28 -5.07
CA ALA A 314 -11.37 20.66 -4.53
C ALA A 314 -11.26 21.66 -5.68
N GLN A 315 -11.29 22.94 -5.31
CA GLN A 315 -11.31 24.12 -6.22
C GLN A 315 -9.93 24.34 -6.83
N ASN A 316 -9.84 25.24 -7.82
CA ASN A 316 -8.60 25.59 -8.56
C ASN A 316 -8.25 27.07 -8.32
N THR A 317 -8.81 27.66 -7.27
CA THR A 317 -8.55 29.09 -6.89
C THR A 317 -7.08 29.24 -6.53
N PRO A 318 -6.44 30.41 -6.78
CA PRO A 318 -5.07 30.64 -6.33
C PRO A 318 -4.89 30.53 -4.81
N ASP A 319 -5.90 30.90 -4.00
CA ASP A 319 -5.87 30.74 -2.53
C ASP A 319 -5.67 29.26 -2.18
N ALA A 320 -6.34 28.35 -2.89
CA ALA A 320 -6.28 26.89 -2.63
C ALA A 320 -4.85 26.40 -2.84
N VAL A 321 -4.23 26.73 -3.98
CA VAL A 321 -2.86 26.23 -4.33
C VAL A 321 -1.87 26.79 -3.29
N LYS A 322 -2.04 28.05 -2.88
CA LYS A 322 -1.25 28.66 -1.79
C LYS A 322 -1.41 27.79 -0.54
N GLU A 323 -2.65 27.56 -0.11
CA GLU A 323 -2.99 26.79 1.11
C GLU A 323 -2.46 25.36 1.01
N LEU A 324 -2.44 24.76 -0.18
CA LEU A 324 -2.00 23.35 -0.35
C LEU A 324 -0.48 23.26 -0.25
N GLU A 325 0.25 24.27 -0.71
CA GLU A 325 1.73 24.31 -0.62
C GLU A 325 2.13 24.56 0.84
N GLU A 326 1.42 25.47 1.52
CA GLU A 326 1.63 25.74 2.96
C GLU A 326 1.49 24.43 3.74
N ILE A 327 0.39 23.70 3.50
CA ILE A 327 0.04 22.46 4.25
C ILE A 327 1.09 21.39 3.93
N ARG A 328 1.45 21.23 2.65
CA ARG A 328 2.50 20.29 2.18
C ARG A 328 3.81 20.63 2.90
N ALA A 329 4.23 21.90 2.85
CA ALA A 329 5.52 22.38 3.41
C ALA A 329 5.57 22.11 4.91
N LYS A 330 4.61 22.62 5.67
CA LYS A 330 4.59 22.52 7.16
C LYS A 330 4.55 21.04 7.57
N ALA A 331 3.94 20.18 6.75
CA ALA A 331 3.72 18.75 7.09
C ALA A 331 4.99 17.94 6.79
N VAL A 332 5.71 18.26 5.72
CA VAL A 332 6.99 17.58 5.37
C VAL A 332 8.00 17.83 6.49
N GLU A 333 8.24 19.10 6.83
CA GLU A 333 9.17 19.51 7.92
C GLU A 333 8.82 18.74 9.20
N TRP A 334 7.60 18.88 9.69
CA TRP A 334 7.17 18.19 10.94
C TRP A 334 7.55 16.70 10.85
N LEU A 335 7.48 16.10 9.66
CA LEU A 335 7.82 14.66 9.44
C LEU A 335 9.34 14.48 9.52
N TYR A 336 10.12 15.49 9.12
CA TYR A 336 11.60 15.41 9.10
C TYR A 336 12.16 15.54 10.52
N ARG A 337 11.64 16.48 11.32
CA ARG A 337 12.13 16.78 12.68
C ARG A 337 11.85 15.58 13.59
N GLU A 338 10.69 14.95 13.40
CA GLU A 338 10.15 13.91 14.32
C GLU A 338 10.68 12.52 13.93
N PHE A 339 10.98 12.27 12.65
CA PHE A 339 11.34 10.90 12.16
C PHE A 339 12.57 10.90 11.24
N GLU A 340 13.29 12.01 11.10
CA GLU A 340 14.38 12.12 10.09
C GLU A 340 13.74 11.78 8.73
N SER A 341 14.48 11.14 7.82
CA SER A 341 13.98 10.82 6.45
C SER A 341 13.15 9.53 6.45
N ASP A 342 12.89 8.91 7.60
CA ASP A 342 12.30 7.55 7.67
C ASP A 342 10.95 7.52 6.95
N LEU A 343 10.07 8.47 7.24
CA LEU A 343 8.68 8.54 6.70
C LEU A 343 8.47 9.89 6.01
N TYR A 344 7.93 9.85 4.79
CA TYR A 344 7.72 11.01 3.90
C TYR A 344 6.24 11.15 3.56
N LEU A 345 5.86 12.30 3.01
CA LEU A 345 4.51 12.58 2.47
C LEU A 345 4.63 13.38 1.18
N ALA A 346 4.38 12.71 0.05
CA ALA A 346 4.36 13.30 -1.31
C ALA A 346 2.93 13.73 -1.64
N ILE A 347 2.66 15.04 -1.53
CA ILE A 347 1.35 15.66 -1.90
C ILE A 347 1.55 16.45 -3.19
N GLU A 348 1.05 15.89 -4.29
CA GLU A 348 0.92 16.62 -5.58
C GLU A 348 -0.57 16.68 -5.93
N TRP A 349 -0.93 17.66 -6.73
CA TRP A 349 -2.32 17.88 -7.22
C TRP A 349 -2.27 18.22 -8.70
N GLU A 350 -3.36 18.01 -9.41
CA GLU A 350 -3.45 18.43 -10.83
C GLU A 350 -4.69 19.27 -11.05
N PRO A 351 -4.55 20.41 -11.78
CA PRO A 351 -5.71 21.16 -12.24
C PRO A 351 -6.45 20.32 -13.27
N VAL A 352 -7.77 20.46 -13.32
CA VAL A 352 -8.68 19.53 -14.05
C VAL A 352 -9.98 20.26 -14.41
N SER A 353 -10.49 20.00 -15.62
CA SER A 353 -11.80 20.50 -16.11
C SER A 353 -12.88 19.46 -15.81
N GLY A 354 -14.14 19.88 -15.80
CA GLY A 354 -15.32 19.01 -15.60
C GLY A 354 -15.35 17.88 -16.63
N ARG A 355 -15.01 18.18 -17.88
CA ARG A 355 -14.87 17.18 -18.99
C ARG A 355 -14.16 15.94 -18.44
N GLU A 356 -13.02 16.16 -17.77
CA GLU A 356 -12.02 15.12 -17.39
C GLU A 356 -12.52 14.34 -16.16
N PHE A 357 -13.77 14.57 -15.71
CA PHE A 357 -14.43 13.80 -14.62
C PHE A 357 -15.13 12.57 -15.17
N GLY A 358 -15.04 12.34 -16.47
CA GLY A 358 -15.67 11.17 -17.11
C GLY A 358 -15.26 11.03 -18.55
N ARG A 359 -16.06 10.28 -19.30
CA ARG A 359 -15.65 9.58 -20.54
C ARG A 359 -15.84 10.49 -21.75
N GLU A 360 -14.95 10.35 -22.75
CA GLU A 360 -15.08 10.89 -24.12
C GLU A 360 -14.29 10.01 -25.10
N GLY A 361 -14.54 10.18 -26.41
CA GLY A 361 -13.84 9.47 -27.49
C GLY A 361 -14.00 7.97 -27.36
N ASN A 364 -11.51 7.69 -22.39
CA ASN A 364 -11.31 7.88 -20.92
C ASN A 364 -10.44 9.11 -20.68
N LEU A 365 -10.92 10.07 -19.87
CA LEU A 365 -10.18 11.30 -19.49
C LEU A 365 -9.92 11.33 -17.98
N PHE A 366 -10.75 10.68 -17.16
CA PHE A 366 -10.57 10.63 -15.69
C PHE A 366 -9.27 9.86 -15.38
N ALA A 367 -9.23 8.58 -15.75
CA ALA A 367 -8.08 7.67 -15.50
C ALA A 367 -6.81 8.24 -16.15
N GLU A 368 -6.95 8.98 -17.26
CA GLU A 368 -5.82 9.68 -17.94
C GLU A 368 -5.27 10.79 -17.04
N ALA A 369 -6.13 11.53 -16.34
CA ALA A 369 -5.73 12.71 -15.53
C ALA A 369 -5.25 12.26 -14.15
N ARG A 370 -5.74 11.13 -13.63
CA ARG A 370 -5.16 10.44 -12.44
C ARG A 370 -3.73 10.00 -12.79
N LYS A 371 -3.51 9.61 -14.05
CA LYS A 371 -2.21 9.07 -14.55
C LYS A 371 -1.14 10.16 -14.58
N ARG A 372 -1.52 11.42 -14.81
CA ARG A 372 -0.58 12.57 -14.85
C ARG A 372 -0.29 13.04 -13.42
N LEU A 373 -1.22 12.78 -12.50
CA LEU A 373 -1.02 13.06 -11.05
C LEU A 373 -0.08 11.98 -10.49
N LYS A 374 -0.36 10.72 -10.79
CA LYS A 374 0.53 9.58 -10.44
C LYS A 374 1.97 9.98 -10.80
N HIS A 375 2.23 10.32 -12.06
CA HIS A 375 3.54 10.78 -12.56
C HIS A 375 4.12 11.83 -11.60
N LYS A 376 3.39 12.92 -11.36
CA LYS A 376 3.83 14.04 -10.48
C LYS A 376 4.27 13.49 -9.11
N LEU A 377 3.55 12.48 -8.59
CA LEU A 377 3.89 11.83 -7.30
C LEU A 377 5.22 11.07 -7.40
N THR A 378 5.42 10.25 -8.45
CA THR A 378 6.62 9.39 -8.56
C THR A 378 7.87 10.28 -8.62
N VAL A 379 7.78 11.47 -9.23
CA VAL A 379 8.91 12.45 -9.28
C VAL A 379 9.15 12.99 -7.88
N ARG A 380 8.09 13.41 -7.18
CA ARG A 380 8.17 14.00 -5.82
C ARG A 380 8.72 12.96 -4.84
N LYS A 381 8.31 11.69 -4.96
CA LYS A 381 8.83 10.60 -4.09
C LYS A 381 10.32 10.41 -4.37
N LEU A 382 10.78 10.72 -5.59
CA LEU A 382 12.22 10.79 -5.98
C LEU A 382 12.83 12.13 -5.56
N LYS A 383 12.10 12.98 -4.82
CA LYS A 383 12.60 14.29 -4.32
C LYS A 383 12.24 14.40 -2.84
N ARG A 384 12.54 13.34 -2.08
CA ARG A 384 12.19 13.22 -0.65
C ARG A 384 12.76 14.42 0.09
N PHE A 385 11.90 15.17 0.77
CA PHE A 385 12.27 16.32 1.63
C PHE A 385 13.04 17.37 0.83
N GLY A 386 12.88 17.39 -0.49
CA GLY A 386 13.28 18.54 -1.33
C GLY A 386 12.70 19.83 -0.77
N GLU A 387 11.52 19.74 -0.14
CA GLU A 387 10.76 20.88 0.46
C GLU A 387 11.43 21.36 1.75
N ILE A 388 12.66 20.91 2.04
CA ILE A 388 13.46 21.30 3.23
C ILE A 388 14.87 21.66 2.73
N LYS A 389 15.20 22.96 2.65
CA LYS A 389 16.50 23.42 2.12
C LYS A 389 17.55 23.39 3.24
N GLY A 390 17.13 23.14 4.48
CA GLY A 390 18.04 22.86 5.61
C GLY A 390 18.53 21.43 5.59
N LEU A 391 18.35 20.71 4.47
CA LEU A 391 18.66 19.26 4.35
C LEU A 391 20.11 19.07 3.87
N PHE A 392 20.55 19.85 2.88
CA PHE A 392 21.89 19.71 2.24
C PHE A 392 22.82 20.81 2.78
N GLU A 393 23.13 20.72 4.08
CA GLU A 393 24.02 21.65 4.82
C GLU A 393 24.82 20.88 5.88
N ASN A 431 7.28 6.56 24.96
CA ASN A 431 6.50 6.42 26.22
C ASN A 431 5.02 6.72 25.98
N ARG A 432 4.73 7.66 25.07
CA ARG A 432 3.36 8.04 24.63
C ARG A 432 2.76 6.88 23.82
N LEU A 433 3.56 6.28 22.93
CA LEU A 433 3.14 5.15 22.06
C LEU A 433 3.10 3.86 22.88
N VAL A 434 3.91 3.77 23.95
CA VAL A 434 3.88 2.68 24.96
C VAL A 434 2.52 2.74 25.68
N SER A 435 2.06 3.95 26.02
CA SER A 435 0.70 4.19 26.58
C SER A 435 -0.35 4.18 25.46
N LEU A 436 0.06 4.19 24.18
CA LEU A 436 -0.85 4.03 23.00
C LEU A 436 -0.95 2.54 22.61
N GLY A 437 -0.21 1.66 23.29
CA GLY A 437 -0.29 0.20 23.12
C GLY A 437 -0.85 -0.50 24.35
N GLY A 438 -0.87 0.19 25.51
CA GLY A 438 -1.33 -0.34 26.81
C GLY A 438 -2.76 0.07 27.12
N ASN A 439 -3.13 1.32 26.83
CA ASN A 439 -4.49 1.89 27.06
C ASN A 439 -5.44 1.47 25.94
N LEU A 440 -4.89 0.90 24.85
CA LEU A 440 -5.56 0.56 23.56
C LEU A 440 -6.94 -0.07 23.80
N PRO A 441 -7.12 -1.11 24.64
CA PRO A 441 -8.43 -1.78 24.77
C PRO A 441 -9.50 -1.19 25.70
N LYS A 442 -9.79 0.12 25.63
CA LYS A 442 -10.92 0.76 26.39
C LYS A 442 -11.51 1.99 25.69
N LEU A 443 -10.98 2.43 24.54
CA LEU A 443 -11.26 3.78 23.96
C LEU A 443 -12.16 3.68 22.72
N LEU A 444 -12.89 4.76 22.43
CA LEU A 444 -13.86 4.86 21.31
C LEU A 444 -13.25 5.64 20.15
N GLY A 445 -12.23 6.46 20.38
CA GLY A 445 -11.61 7.30 19.34
C GLY A 445 -10.60 8.29 19.92
N PHE A 446 -10.42 9.42 19.24
CA PHE A 446 -9.48 10.50 19.63
C PHE A 446 -10.07 11.87 19.29
N GLY A 447 -9.76 12.86 20.12
CA GLY A 447 -10.16 14.27 19.89
C GLY A 447 -9.06 15.02 19.22
N ARG A 448 -9.39 15.90 18.28
CA ARG A 448 -8.39 16.67 17.49
C ARG A 448 -8.44 18.14 17.91
N THR A 449 -7.79 18.45 19.04
CA THR A 449 -7.67 19.80 19.64
C THR A 449 -6.41 20.50 19.12
N ALA A 450 -5.99 21.57 19.81
CA ALA A 450 -4.66 22.19 19.63
C ALA A 450 -3.58 21.23 20.14
N LYS A 451 -2.31 21.56 19.87
CA LYS A 451 -1.14 20.76 20.30
C LYS A 451 -0.93 20.93 21.81
N ASN A 452 -0.84 22.19 22.26
CA ASN A 452 -0.74 22.57 23.69
C ASN A 452 -2.15 22.46 24.30
N ASP A 453 -2.52 21.26 24.74
CA ASP A 453 -3.84 20.95 25.35
C ASP A 453 -3.63 19.80 26.34
N ALA A 454 -4.41 19.79 27.42
CA ALA A 454 -4.33 18.80 28.52
C ALA A 454 -4.71 17.42 27.98
N GLY A 455 -3.96 16.39 28.38
CA GLY A 455 -4.26 14.98 28.06
C GLY A 455 -3.92 14.62 26.63
N VAL A 456 -3.41 15.57 25.82
CA VAL A 456 -2.86 15.28 24.46
C VAL A 456 -1.88 14.14 24.61
N LEU A 457 -2.18 12.99 24.01
CA LEU A 457 -1.34 11.78 24.13
C LEU A 457 -0.25 11.80 23.06
N VAL A 458 -0.61 12.16 21.82
CA VAL A 458 0.31 12.19 20.65
C VAL A 458 -0.09 13.36 19.75
N GLU A 459 0.88 13.88 19.01
CA GLU A 459 0.66 15.07 18.14
C GLU A 459 0.98 14.68 16.70
N GLY A 460 0.25 15.27 15.76
CA GLY A 460 0.52 15.19 14.32
C GLY A 460 1.18 16.48 13.85
N PRO A 461 1.30 16.67 12.52
CA PRO A 461 1.90 17.88 11.97
C PRO A 461 1.10 19.18 12.13
N PHE A 462 -0.13 19.12 12.64
CA PHE A 462 -1.07 20.27 12.73
C PHE A 462 -1.74 20.36 14.09
N SER A 463 -2.21 19.24 14.66
CA SER A 463 -3.09 19.25 15.86
C SER A 463 -2.74 18.11 16.82
N GLY A 464 -3.18 18.25 18.07
CA GLY A 464 -2.98 17.28 19.16
C GLY A 464 -4.16 16.33 19.25
N PHE A 465 -3.90 15.05 19.54
CA PHE A 465 -4.93 13.99 19.62
C PHE A 465 -5.07 13.54 21.07
N VAL A 466 -6.22 13.84 21.67
CA VAL A 466 -6.57 13.42 23.05
C VAL A 466 -7.46 12.18 22.95
N PRO A 467 -7.03 11.04 23.52
CA PRO A 467 -7.86 9.83 23.56
C PRO A 467 -9.22 10.06 24.23
N TYR A 468 -10.24 9.42 23.66
CA TYR A 468 -11.68 9.54 24.02
C TYR A 468 -12.12 8.19 24.60
N LEU A 469 -12.25 8.13 25.93
CA LEU A 469 -12.58 6.89 26.68
C LEU A 469 -14.10 6.80 26.83
N GLN A 470 -14.60 5.59 27.11
CA GLN A 470 -16.05 5.29 27.21
C GLN A 470 -16.72 6.30 28.14
N GLY A 471 -16.22 6.44 29.37
CA GLY A 471 -16.73 7.38 30.37
C GLY A 471 -16.40 8.81 30.01
N GLY A 472 -15.25 9.01 29.35
CA GLY A 472 -14.65 10.33 29.08
C GLY A 472 -15.56 11.25 28.28
N ARG A 473 -15.21 12.53 28.23
CA ARG A 473 -15.90 13.58 27.44
C ARG A 473 -15.06 13.92 26.22
N PRO A 474 -15.65 13.84 25.00
CA PRO A 474 -14.90 14.14 23.78
C PRO A 474 -14.38 15.57 23.85
N VAL A 475 -13.15 15.78 23.41
CA VAL A 475 -12.46 17.09 23.41
C VAL A 475 -12.00 17.37 21.98
N GLY A 476 -12.52 18.43 21.35
CA GLY A 476 -11.88 19.00 20.15
C GLY A 476 -12.84 19.33 19.05
N GLU A 477 -12.33 20.06 18.06
CA GLU A 477 -13.08 20.61 16.90
C GLU A 477 -13.59 19.45 16.05
N GLN A 478 -12.75 18.44 15.79
CA GLN A 478 -13.15 17.16 15.16
C GLN A 478 -12.93 16.01 16.15
N ILE A 479 -13.89 15.08 16.20
CA ILE A 479 -13.80 13.82 16.98
C ILE A 479 -13.71 12.67 15.98
N LEU A 480 -12.53 12.07 15.86
CA LEU A 480 -12.32 10.79 15.15
C LEU A 480 -12.91 9.65 15.99
N VAL A 481 -14.00 9.04 15.54
CA VAL A 481 -14.62 7.87 16.22
C VAL A 481 -14.27 6.61 15.43
N LYS A 482 -13.85 5.57 16.14
CA LYS A 482 -13.38 4.29 15.57
C LYS A 482 -14.54 3.30 15.47
N ASN A 483 -14.79 2.79 14.26
CA ASN A 483 -15.51 1.52 14.01
C ASN A 483 -17.01 1.65 14.31
N THR A 484 -17.57 2.85 14.16
CA THR A 484 -19.04 3.10 14.09
C THR A 484 -19.31 4.18 13.05
N LEU A 485 -20.53 4.19 12.52
CA LEU A 485 -21.09 5.34 11.76
C LEU A 485 -22.09 6.06 12.66
N ASN A 486 -22.25 5.62 13.91
CA ASN A 486 -23.25 6.13 14.88
C ASN A 486 -22.57 7.13 15.81
N PRO A 487 -22.80 8.45 15.61
CA PRO A 487 -22.08 9.49 16.34
C PRO A 487 -22.06 9.29 17.87
N GLY A 488 -23.11 8.68 18.43
CA GLY A 488 -23.22 8.38 19.87
C GLY A 488 -23.23 9.66 20.69
N GLU A 489 -22.73 9.60 21.92
CA GLU A 489 -22.84 10.69 22.92
C GLU A 489 -21.60 11.58 22.84
N ILE A 490 -21.58 12.47 21.84
CA ILE A 490 -20.58 13.55 21.64
C ILE A 490 -21.36 14.85 21.45
N PRO A 491 -20.73 16.04 21.63
CA PRO A 491 -21.46 17.30 21.60
C PRO A 491 -21.87 17.69 20.17
N GLU A 492 -23.04 18.33 20.03
CA GLU A 492 -23.61 18.79 18.75
C GLU A 492 -22.57 19.55 17.93
N SER A 493 -21.71 20.33 18.59
CA SER A 493 -20.73 21.26 17.96
C SER A 493 -19.43 20.53 17.57
N ALA A 494 -19.38 19.20 17.69
CA ALA A 494 -18.18 18.38 17.34
C ALA A 494 -18.35 17.78 15.95
N GLN A 495 -17.53 18.20 14.98
CA GLN A 495 -17.46 17.54 13.65
C GLN A 495 -17.19 16.06 13.88
N PHE A 496 -17.95 15.20 13.21
CA PHE A 496 -17.94 13.74 13.39
C PHE A 496 -17.20 13.12 12.20
N VAL A 497 -16.12 12.39 12.50
CA VAL A 497 -15.21 11.79 11.49
C VAL A 497 -15.06 10.30 11.81
N PRO A 498 -15.85 9.41 11.18
CA PRO A 498 -15.75 7.98 11.46
C PRO A 498 -14.55 7.40 10.70
N TYR A 499 -13.79 6.53 11.37
CA TYR A 499 -12.66 5.79 10.76
C TYR A 499 -12.75 4.34 11.23
N PHE A 500 -12.50 3.41 10.31
CA PHE A 500 -12.47 1.95 10.57
C PHE A 500 -11.04 1.45 10.41
N VAL A 501 -10.76 0.33 11.06
CA VAL A 501 -9.40 -0.27 11.11
C VAL A 501 -9.54 -1.71 11.58
N ALA A 502 -8.93 -2.65 10.85
CA ALA A 502 -8.84 -4.07 11.25
C ALA A 502 -7.85 -4.16 12.40
N ASP A 503 -8.35 -4.22 13.64
CA ASP A 503 -7.53 -4.13 14.87
C ASP A 503 -7.64 -5.45 15.65
N TYR A 504 -7.92 -6.56 14.97
CA TYR A 504 -8.08 -7.86 15.67
C TYR A 504 -6.76 -8.20 16.36
N PHE A 505 -6.84 -8.64 17.61
CA PHE A 505 -5.68 -9.10 18.42
C PHE A 505 -6.16 -10.12 19.44
N LYS A 506 -5.29 -11.07 19.77
CA LYS A 506 -5.50 -12.00 20.89
C LYS A 506 -5.16 -11.23 22.18
N LYS A 507 -6.10 -11.16 23.11
CA LYS A 507 -5.86 -10.60 24.47
C LYS A 507 -5.17 -11.68 25.30
N ASP A 508 -4.26 -11.27 26.18
CA ASP A 508 -3.55 -12.17 27.12
C ASP A 508 -4.39 -12.33 28.38
N PRO A 509 -4.02 -13.24 29.30
CA PRO A 509 -4.59 -13.26 30.66
C PRO A 509 -4.48 -11.90 31.36
N LYS A 510 -3.42 -11.15 31.04
CA LYS A 510 -3.29 -9.70 31.32
C LYS A 510 -4.05 -8.96 30.22
N GLY A 511 -4.83 -7.93 30.57
CA GLY A 511 -5.72 -7.20 29.65
C GLY A 511 -5.03 -6.80 28.35
N GLY A 512 -3.70 -6.67 28.37
CA GLY A 512 -2.89 -6.26 27.21
C GLY A 512 -2.97 -7.27 26.08
N VAL A 513 -2.62 -6.84 24.87
CA VAL A 513 -2.63 -7.67 23.64
C VAL A 513 -1.57 -8.76 23.79
N ALA A 514 -1.69 -9.84 23.02
CA ALA A 514 -0.72 -10.96 23.03
C ALA A 514 0.61 -10.48 22.43
N THR A 515 1.68 -11.17 22.80
CA THR A 515 3.09 -10.87 22.44
C THR A 515 3.54 -11.96 21.46
N PHE A 516 4.78 -11.87 20.94
CA PHE A 516 5.29 -12.79 19.91
C PHE A 516 5.53 -14.19 20.46
N GLU A 517 5.89 -14.31 21.75
CA GLU A 517 6.08 -15.63 22.41
C GLU A 517 4.70 -16.24 22.67
N GLU A 518 3.75 -15.43 23.11
CA GLU A 518 2.35 -15.85 23.46
C GLU A 518 1.69 -16.43 22.21
N LEU A 519 1.82 -15.73 21.07
CA LEU A 519 1.29 -16.17 19.76
C LEU A 519 2.02 -17.44 19.32
N SER A 520 3.35 -17.46 19.49
CA SER A 520 4.22 -18.57 19.03
C SER A 520 3.95 -19.85 19.85
N MET A 521 3.43 -19.73 21.08
CA MET A 521 3.28 -20.86 22.03
C MET A 521 1.96 -21.60 21.81
N ALA A 522 0.92 -20.95 21.28
CA ALA A 522 -0.42 -21.55 21.04
C ALA A 522 -0.46 -22.28 19.70
N SER A 523 0.70 -22.44 19.04
CA SER A 523 0.83 -23.04 17.69
C SER A 523 0.88 -24.57 17.80
N THR A 524 0.08 -25.26 16.98
CA THR A 524 -0.01 -26.74 16.87
C THR A 524 1.33 -27.31 16.41
N GLY A 525 1.92 -28.21 17.21
CA GLY A 525 3.24 -28.80 16.96
C GLY A 525 4.36 -27.81 17.28
N THR A 526 5.29 -27.61 16.33
CA THR A 526 6.52 -26.81 16.53
C THR A 526 6.15 -25.38 16.90
N ARG A 527 6.75 -24.86 17.97
CA ARG A 527 6.47 -23.50 18.49
C ARG A 527 7.25 -22.50 17.61
N ARG A 528 6.63 -22.08 16.50
CA ARG A 528 7.11 -20.99 15.62
C ARG A 528 6.01 -19.93 15.51
N LEU A 529 6.36 -18.72 15.09
CA LEU A 529 5.39 -17.64 14.86
C LEU A 529 5.16 -17.46 13.37
N GLY A 530 3.90 -17.67 12.95
CA GLY A 530 3.45 -17.37 11.58
C GLY A 530 3.46 -15.88 11.32
N VAL A 531 4.05 -15.48 10.20
CA VAL A 531 3.99 -14.09 9.69
C VAL A 531 3.53 -14.16 8.25
N MET A 532 2.44 -13.46 7.91
CA MET A 532 1.87 -13.47 6.54
C MET A 532 1.69 -12.04 6.05
N LYS A 533 2.13 -11.80 4.82
CA LYS A 533 2.10 -10.48 4.17
C LYS A 533 1.42 -10.67 2.81
N GLY A 534 0.41 -9.85 2.54
CA GLY A 534 -0.47 -9.99 1.38
C GLY A 534 -0.58 -8.70 0.60
N ASP A 535 -1.37 -8.74 -0.47
CA ASP A 535 -1.39 -7.71 -1.52
C ASP A 535 -2.54 -8.06 -2.48
N VAL A 536 -3.31 -7.07 -2.89
CA VAL A 536 -4.35 -7.26 -3.93
C VAL A 536 -3.66 -7.08 -5.28
N ASP A 537 -3.91 -8.01 -6.19
CA ASP A 537 -3.18 -8.16 -7.47
C ASP A 537 -3.66 -7.12 -8.49
N ARG A 538 -2.72 -6.40 -9.09
CA ARG A 538 -2.99 -5.44 -10.20
C ARG A 538 -4.12 -4.51 -9.78
N LEU A 539 -4.10 -4.05 -8.53
CA LEU A 539 -5.17 -3.19 -7.95
C LEU A 539 -5.10 -1.79 -8.55
N GLY A 540 -3.90 -1.31 -8.89
CA GLY A 540 -3.70 -0.02 -9.59
C GLY A 540 -4.34 -0.04 -10.97
N GLU A 541 -4.34 -1.20 -11.63
CA GLU A 541 -4.98 -1.42 -12.95
C GLU A 541 -6.50 -1.26 -12.81
N PHE A 542 -7.08 -1.98 -11.84
CA PHE A 542 -8.52 -1.98 -11.50
C PHE A 542 -9.01 -0.55 -11.25
N PHE A 543 -8.40 0.15 -10.29
CA PHE A 543 -8.74 1.54 -9.92
C PHE A 543 -8.63 2.45 -11.15
N SER A 544 -7.65 2.20 -12.02
CA SER A 544 -7.42 2.97 -13.26
C SER A 544 -8.47 2.63 -14.34
N SER A 545 -9.32 1.61 -14.11
CA SER A 545 -10.36 1.16 -15.08
C SER A 545 -11.67 1.91 -14.87
N MET A 546 -11.82 2.62 -13.74
CA MET A 546 -13.08 3.30 -13.37
C MET A 546 -13.23 4.56 -14.24
N ASP A 547 -14.41 4.73 -14.84
CA ASP A 547 -14.76 5.84 -15.77
C ASP A 547 -14.87 7.16 -14.99
N SER A 548 -15.55 7.14 -13.85
CA SER A 548 -16.07 8.34 -13.14
C SER A 548 -15.68 8.32 -11.66
N PRO A 549 -15.59 9.51 -11.03
CA PRO A 549 -15.42 9.63 -9.58
C PRO A 549 -16.32 8.71 -8.75
N SER A 550 -17.58 8.56 -9.17
CA SER A 550 -18.62 7.78 -8.45
C SER A 550 -18.30 6.29 -8.54
N LYS A 551 -17.77 5.85 -9.69
CA LYS A 551 -17.24 4.49 -9.89
C LYS A 551 -16.02 4.30 -8.98
N LEU A 552 -15.05 5.22 -9.07
CA LEU A 552 -13.79 5.15 -8.27
C LEU A 552 -14.13 5.14 -6.78
N ALA A 553 -15.06 6.00 -6.35
CA ALA A 553 -15.53 6.10 -4.95
C ALA A 553 -16.00 4.72 -4.47
N THR A 554 -16.67 3.96 -5.32
CA THR A 554 -17.36 2.70 -4.92
C THR A 554 -16.32 1.58 -4.87
N ALA A 555 -15.49 1.46 -5.91
CA ALA A 555 -14.37 0.48 -5.97
C ALA A 555 -13.54 0.64 -4.70
N SER A 556 -13.04 1.85 -4.44
CA SER A 556 -12.14 2.17 -3.30
C SER A 556 -12.85 1.87 -1.99
N ARG A 557 -14.08 2.37 -1.80
CA ARG A 557 -14.83 2.23 -0.53
C ARG A 557 -15.03 0.74 -0.25
N PHE A 558 -15.56 -0.02 -1.21
CA PHE A 558 -15.83 -1.48 -1.04
C PHE A 558 -14.51 -2.21 -0.81
N MET A 559 -13.48 -1.87 -1.60
CA MET A 559 -12.15 -2.51 -1.50
C MET A 559 -11.64 -2.38 -0.06
N ASP A 560 -11.56 -1.15 0.43
CA ASP A 560 -11.06 -0.82 1.79
C ASP A 560 -11.89 -1.57 2.83
N TYR A 561 -13.21 -1.62 2.65
CA TYR A 561 -14.17 -2.21 3.62
C TYR A 561 -13.91 -3.70 3.83
N PHE A 562 -13.41 -4.41 2.82
CA PHE A 562 -13.10 -5.86 2.95
C PHE A 562 -12.06 -6.05 4.05
N PHE A 563 -11.00 -5.23 4.03
CA PHE A 563 -9.85 -5.32 4.95
C PHE A 563 -10.22 -4.69 6.30
N LYS A 564 -10.75 -3.47 6.29
CA LYS A 564 -11.03 -2.66 7.51
C LYS A 564 -12.27 -3.20 8.24
N GLY A 565 -13.19 -3.83 7.52
CA GLY A 565 -14.47 -4.33 8.08
C GLY A 565 -14.44 -5.84 8.30
N TYR A 566 -14.13 -6.61 7.26
CA TYR A 566 -14.52 -8.04 7.16
C TYR A 566 -13.38 -8.94 7.66
N ILE A 567 -12.12 -8.52 7.58
CA ILE A 567 -10.97 -9.31 8.08
C ILE A 567 -11.12 -9.56 9.59
N GLY A 568 -11.55 -8.57 10.36
CA GLY A 568 -11.90 -8.76 11.78
C GLY A 568 -12.73 -10.03 11.97
N ALA A 569 -13.77 -10.18 11.12
CA ALA A 569 -14.78 -11.27 11.17
C ALA A 569 -14.16 -12.61 10.74
N ILE A 570 -13.48 -12.62 9.59
CA ILE A 570 -12.91 -13.85 8.96
C ILE A 570 -12.07 -14.58 9.99
N ILE A 571 -11.28 -13.81 10.77
CA ILE A 571 -10.38 -14.33 11.84
C ILE A 571 -11.22 -14.95 12.95
N GLU A 572 -12.34 -14.32 13.34
CA GLU A 572 -13.25 -14.82 14.41
C GLU A 572 -13.81 -16.19 13.99
N GLY A 573 -14.05 -16.41 12.69
CA GLY A 573 -14.55 -17.67 12.11
C GLY A 573 -15.79 -17.48 11.26
N LYS A 574 -16.32 -16.25 11.17
CA LYS A 574 -17.55 -15.93 10.42
C LYS A 574 -17.38 -16.29 8.94
N PHE A 575 -18.49 -16.52 8.25
CA PHE A 575 -18.59 -16.85 6.81
C PHE A 575 -18.05 -18.26 6.55
N GLY A 576 -18.12 -19.14 7.56
CA GLY A 576 -17.68 -20.54 7.47
C GLY A 576 -18.25 -21.24 6.26
N TYR A 577 -19.52 -20.99 5.92
CA TYR A 577 -20.19 -21.54 4.71
C TYR A 577 -19.48 -21.02 3.46
N ILE A 578 -19.45 -19.70 3.30
CA ILE A 578 -18.96 -19.00 2.08
C ILE A 578 -17.49 -19.39 1.86
N ILE A 579 -16.71 -19.55 2.94
CA ILE A 579 -15.28 -19.99 2.89
C ILE A 579 -15.25 -21.52 2.68
N GLY A 580 -15.62 -22.30 3.69
CA GLY A 580 -15.80 -23.77 3.58
C GLY A 580 -14.57 -24.54 4.02
N ASP A 581 -14.16 -25.54 3.23
CA ASP A 581 -12.98 -26.40 3.48
C ASP A 581 -11.72 -25.66 3.02
N VAL A 582 -10.78 -25.41 3.94
CA VAL A 582 -9.45 -24.83 3.63
C VAL A 582 -8.37 -25.66 4.33
N PRO A 583 -7.09 -25.55 3.90
CA PRO A 583 -5.99 -26.20 4.60
C PRO A 583 -5.93 -25.70 6.05
N SER A 584 -5.97 -26.63 7.00
CA SER A 584 -5.97 -26.34 8.46
C SER A 584 -5.35 -27.53 9.19
N LEU A 585 -4.81 -27.28 10.38
CA LEU A 585 -4.06 -28.29 11.16
C LEU A 585 -4.74 -28.57 12.49
N ARG A 586 -5.50 -27.60 13.00
CA ARG A 586 -6.30 -27.73 14.23
C ARG A 586 -7.74 -27.28 13.92
N ASP A 587 -8.67 -27.57 14.83
CA ASP A 587 -10.01 -26.95 14.84
C ASP A 587 -9.82 -25.46 15.11
N TRP A 588 -10.57 -24.61 14.41
CA TRP A 588 -10.52 -23.14 14.59
C TRP A 588 -10.84 -22.81 16.04
N PRO A 589 -10.03 -21.97 16.72
CA PRO A 589 -10.32 -21.57 18.09
C PRO A 589 -11.47 -20.55 18.16
N GLU A 590 -12.07 -20.38 19.34
CA GLU A 590 -13.14 -19.38 19.58
C GLU A 590 -12.50 -17.99 19.68
N GLU A 591 -11.34 -17.89 20.32
CA GLU A 591 -10.50 -16.66 20.43
C GLU A 591 -9.17 -16.90 19.73
N PRO A 592 -9.12 -16.83 18.37
CA PRO A 592 -7.89 -17.13 17.63
C PRO A 592 -6.64 -16.33 18.03
N ASP A 593 -5.50 -17.04 18.06
CA ASP A 593 -4.15 -16.52 18.41
C ASP A 593 -3.57 -15.80 17.19
N ILE A 594 -4.22 -14.72 16.77
CA ILE A 594 -3.86 -13.90 15.61
C ILE A 594 -3.76 -12.45 16.07
N VAL A 595 -2.90 -11.67 15.43
CA VAL A 595 -2.75 -10.22 15.71
C VAL A 595 -2.48 -9.51 14.38
N VAL A 596 -3.50 -8.86 13.85
CA VAL A 596 -3.36 -7.90 12.71
C VAL A 596 -2.32 -6.87 13.14
N VAL A 597 -1.44 -6.50 12.22
CA VAL A 597 -0.43 -5.42 12.45
C VAL A 597 -0.89 -4.20 11.66
N TYR A 598 -1.04 -4.33 10.35
CA TYR A 598 -1.68 -3.30 9.49
C TYR A 598 -2.33 -3.98 8.29
N ALA A 599 -3.66 -3.86 8.21
CA ALA A 599 -4.50 -4.34 7.08
C ALA A 599 -4.87 -3.12 6.21
N GLY A 600 -6.15 -2.94 5.90
CA GLY A 600 -6.61 -1.82 5.04
C GLY A 600 -6.31 -2.07 3.58
N GLY A 601 -6.78 -1.17 2.71
CA GLY A 601 -6.73 -1.27 1.23
C GLY A 601 -5.46 -1.96 0.76
N ASP A 602 -5.62 -3.06 0.00
CA ASP A 602 -4.55 -3.81 -0.72
C ASP A 602 -3.63 -4.52 0.29
N ASP A 603 -2.82 -3.76 1.06
CA ASP A 603 -1.60 -4.27 1.74
C ASP A 603 -1.89 -4.59 3.20
N PHE A 604 -1.85 -5.86 3.56
CA PHE A 604 -2.10 -6.35 4.94
C PHE A 604 -0.89 -7.15 5.43
N PHE A 605 -0.71 -7.17 6.74
CA PHE A 605 0.41 -7.84 7.45
C PHE A 605 -0.14 -8.39 8.76
N ILE A 606 -0.15 -9.71 8.89
CA ILE A 606 -0.78 -10.43 10.02
C ILE A 606 0.28 -11.33 10.63
N VAL A 607 0.21 -11.54 11.95
CA VAL A 607 1.12 -12.45 12.69
C VAL A 607 0.30 -13.21 13.72
N GLY A 608 0.79 -14.38 14.12
CA GLY A 608 0.15 -15.24 15.12
C GLY A 608 0.73 -16.63 15.09
N ALA A 609 0.16 -17.52 15.91
CA ALA A 609 0.45 -18.98 15.89
C ALA A 609 0.57 -19.43 14.43
N TRP A 610 1.67 -20.09 14.07
CA TRP A 610 2.07 -20.33 12.66
C TRP A 610 0.96 -21.09 11.92
N ASP A 611 0.36 -22.12 12.53
CA ASP A 611 -0.69 -22.95 11.89
C ASP A 611 -1.96 -22.11 11.72
N GLN A 612 -2.29 -21.27 12.70
CA GLN A 612 -3.46 -20.36 12.59
C GLN A 612 -3.20 -19.36 11.45
N ILE A 613 -1.97 -18.86 11.30
CA ILE A 613 -1.61 -17.91 10.20
C ILE A 613 -1.64 -18.65 8.86
N PHE A 614 -1.20 -19.91 8.83
CA PHE A 614 -1.22 -20.77 7.61
C PHE A 614 -2.67 -20.90 7.12
N GLU A 615 -3.59 -21.25 8.01
CA GLU A 615 -5.04 -21.40 7.69
C GLU A 615 -5.61 -20.02 7.33
N LEU A 616 -5.38 -18.99 8.17
CA LEU A 616 -5.98 -17.66 7.93
C LEU A 616 -5.73 -17.26 6.47
N ALA A 617 -4.55 -17.59 5.95
CA ALA A 617 -4.08 -17.19 4.60
C ALA A 617 -5.13 -17.58 3.55
N PHE A 618 -5.65 -18.82 3.64
CA PHE A 618 -6.61 -19.39 2.67
C PHE A 618 -8.02 -18.86 2.96
N ARG A 619 -8.39 -18.79 4.24
CA ARG A 619 -9.65 -18.15 4.67
C ARG A 619 -9.76 -16.78 4.01
N VAL A 620 -8.73 -15.95 4.13
CA VAL A 620 -8.76 -14.55 3.64
C VAL A 620 -8.88 -14.59 2.12
N ARG A 621 -8.24 -15.56 1.47
CA ARG A 621 -8.17 -15.64 0.00
C ARG A 621 -9.53 -16.06 -0.57
N ARG A 622 -10.18 -17.03 0.06
CA ARG A 622 -11.54 -17.51 -0.29
C ARG A 622 -12.55 -16.37 -0.15
N ALA A 623 -12.80 -15.93 1.08
CA ALA A 623 -13.69 -14.79 1.40
C ALA A 623 -13.47 -13.68 0.38
N PHE A 624 -12.21 -13.33 0.10
CA PHE A 624 -11.86 -12.26 -0.85
C PHE A 624 -12.36 -12.64 -2.25
N ASN A 625 -12.25 -13.92 -2.60
CA ASN A 625 -12.72 -14.47 -3.88
C ASN A 625 -14.24 -14.35 -3.96
N ALA A 626 -14.94 -14.78 -2.89
CA ALA A 626 -16.39 -14.58 -2.67
C ALA A 626 -16.69 -13.09 -2.74
N TYR A 627 -16.16 -12.30 -1.79
CA TYR A 627 -16.42 -10.84 -1.62
C TYR A 627 -16.30 -10.12 -2.97
N THR A 628 -15.37 -10.56 -3.82
CA THR A 628 -15.19 -10.08 -5.21
C THR A 628 -15.95 -11.03 -6.16
N GLY A 629 -15.88 -10.78 -7.47
CA GLY A 629 -16.63 -11.58 -8.45
C GLY A 629 -15.96 -12.92 -8.72
N GLY A 630 -15.06 -13.35 -7.85
CA GLY A 630 -13.94 -14.24 -8.20
C GLY A 630 -13.13 -13.62 -9.32
N LYS A 631 -13.13 -12.29 -9.45
CA LYS A 631 -12.53 -11.52 -10.58
C LYS A 631 -11.30 -10.74 -10.11
N LEU A 632 -10.96 -10.81 -8.83
CA LEU A 632 -9.72 -10.20 -8.26
C LEU A 632 -8.98 -11.24 -7.42
N THR A 633 -7.65 -11.23 -7.48
CA THR A 633 -6.78 -12.26 -6.84
C THR A 633 -5.86 -11.63 -5.81
N LEU A 634 -5.51 -12.40 -4.78
CA LEU A 634 -4.41 -12.06 -3.83
C LEU A 634 -3.11 -12.68 -4.32
N SER A 635 -2.01 -12.19 -3.75
CA SER A 635 -0.72 -12.89 -3.62
C SER A 635 -0.29 -12.77 -2.15
N VAL A 636 0.03 -13.89 -1.50
CA VAL A 636 0.41 -13.91 -0.06
C VAL A 636 1.79 -14.56 0.09
N GLY A 637 2.64 -13.96 0.93
CA GLY A 637 3.94 -14.52 1.37
C GLY A 637 3.82 -14.97 2.81
N LEU A 638 4.12 -16.25 3.08
CA LEU A 638 4.05 -16.85 4.43
C LEU A 638 5.46 -17.19 4.93
N GLY A 639 5.65 -17.02 6.23
CA GLY A 639 6.88 -17.37 6.94
C GLY A 639 6.56 -17.88 8.32
N TYR A 640 7.29 -18.90 8.76
CA TYR A 640 7.23 -19.48 10.13
C TYR A 640 8.64 -19.36 10.71
N PHE A 641 8.78 -18.53 11.75
CA PHE A 641 10.09 -18.21 12.35
C PHE A 641 10.07 -18.52 13.84
N ASP A 642 11.28 -18.53 14.41
CA ASP A 642 11.51 -18.68 15.87
C ASP A 642 10.93 -17.44 16.56
N GLU A 643 10.21 -17.65 17.66
CA GLU A 643 9.52 -16.58 18.44
C GLU A 643 10.50 -15.41 18.70
N ARG A 644 11.77 -15.71 18.93
CA ARG A 644 12.83 -14.72 19.30
C ARG A 644 13.48 -14.14 18.04
N THR A 645 12.77 -14.11 16.92
CA THR A 645 13.30 -13.52 15.66
C THR A 645 13.00 -12.02 15.66
N PRO A 646 13.95 -11.16 15.25
CA PRO A 646 13.67 -9.74 15.08
C PRO A 646 12.70 -9.48 13.92
N ILE A 647 11.76 -8.57 14.16
CA ILE A 647 10.60 -8.22 13.29
C ILE A 647 11.07 -7.85 11.87
N TYR A 648 12.00 -6.91 11.73
CA TYR A 648 12.47 -6.39 10.42
C TYR A 648 12.97 -7.56 9.56
N ARG A 649 13.58 -8.58 10.18
CA ARG A 649 14.10 -9.78 9.47
C ARG A 649 12.93 -10.63 8.96
N MET A 650 12.00 -10.99 9.86
CA MET A 650 10.74 -11.70 9.50
C MET A 650 10.03 -10.94 8.38
N ALA A 651 9.72 -9.65 8.61
CA ALA A 651 9.03 -8.77 7.64
C ALA A 651 9.83 -8.74 6.33
N ASP A 652 11.15 -8.75 6.41
CA ASP A 652 12.07 -8.67 5.23
C ASP A 652 11.87 -9.93 4.39
N VAL A 653 11.73 -11.08 5.04
CA VAL A 653 11.63 -12.42 4.38
C VAL A 653 10.28 -12.55 3.67
N VAL A 654 9.17 -12.46 4.40
CA VAL A 654 7.81 -12.65 3.79
C VAL A 654 7.64 -11.63 2.65
N SER A 655 8.09 -10.39 2.84
CA SER A 655 8.12 -9.34 1.78
C SER A 655 8.79 -9.87 0.53
N GLU A 656 9.88 -10.61 0.71
CA GLU A 656 10.66 -11.24 -0.39
C GLU A 656 9.85 -12.41 -0.96
N ARG A 657 9.29 -13.26 -0.09
CA ARG A 657 8.44 -14.41 -0.50
C ARG A 657 7.19 -13.90 -1.21
N LEU A 658 6.58 -12.82 -0.69
CA LEU A 658 5.39 -12.19 -1.31
C LEU A 658 5.70 -11.81 -2.77
N ASP A 659 6.71 -10.97 -3.04
CA ASP A 659 6.93 -10.49 -4.43
C ASP A 659 7.62 -11.58 -5.26
N THR A 660 7.94 -12.75 -4.67
CA THR A 660 8.17 -14.00 -5.43
C THR A 660 6.81 -14.46 -5.98
N ALA A 661 5.79 -14.54 -5.12
CA ALA A 661 4.41 -14.93 -5.48
C ALA A 661 3.93 -14.07 -6.65
N LYS A 662 4.09 -12.74 -6.56
CA LYS A 662 3.67 -11.78 -7.63
C LYS A 662 4.46 -12.03 -8.92
N ASP A 663 5.70 -12.53 -8.80
CA ASP A 663 6.70 -12.59 -9.91
C ASP A 663 6.50 -13.84 -10.77
N GLU A 664 5.98 -14.92 -10.18
CA GLU A 664 5.82 -16.24 -10.85
C GLU A 664 4.42 -16.30 -11.47
N GLY A 665 4.05 -15.28 -12.26
CA GLY A 665 2.65 -14.90 -12.49
C GLY A 665 2.05 -14.44 -11.18
N ARG A 666 0.75 -14.09 -11.14
CA ARG A 666 0.11 -13.67 -9.87
C ARG A 666 -0.92 -14.72 -9.45
N ASN A 667 -1.72 -14.40 -8.43
CA ASN A 667 -2.83 -15.26 -7.93
C ASN A 667 -2.20 -16.47 -7.23
N ARG A 668 -1.11 -16.26 -6.49
CA ARG A 668 -0.36 -17.37 -5.84
C ARG A 668 -0.04 -17.05 -4.38
N VAL A 669 0.27 -18.10 -3.64
CA VAL A 669 0.69 -18.07 -2.21
C VAL A 669 2.04 -18.77 -2.10
N PHE A 670 2.98 -18.13 -1.37
CA PHE A 670 4.29 -18.67 -0.97
C PHE A 670 4.11 -19.27 0.42
N VAL A 671 4.22 -20.59 0.52
CA VAL A 671 3.56 -21.40 1.59
C VAL A 671 4.60 -21.85 2.61
N VAL A 672 5.82 -22.13 2.14
CA VAL A 672 6.95 -22.63 2.97
C VAL A 672 8.23 -22.48 2.13
N GLY A 673 9.40 -22.48 2.77
CA GLY A 673 10.69 -22.58 2.07
C GLY A 673 10.76 -23.88 1.28
N ARG A 674 11.41 -23.88 0.13
CA ARG A 674 11.31 -24.99 -0.86
C ARG A 674 12.58 -25.09 -1.70
N SER A 675 13.17 -26.28 -1.73
CA SER A 675 14.25 -26.66 -2.67
C SER A 675 13.62 -26.93 -4.04
N ARG A 676 14.37 -26.67 -5.10
CA ARG A 676 13.86 -26.68 -6.48
C ARG A 676 15.04 -26.71 -7.44
N PRO A 677 14.88 -27.29 -8.66
CA PRO A 677 15.87 -27.12 -9.71
C PRO A 677 15.77 -25.68 -10.25
N LEU A 678 16.91 -25.06 -10.56
CA LEU A 678 16.98 -23.65 -11.04
C LEU A 678 16.97 -23.63 -12.57
N ASP A 679 16.21 -24.52 -13.21
CA ASP A 679 16.15 -24.64 -14.69
C ASP A 679 15.19 -23.60 -15.29
N GLY A 680 14.64 -22.69 -14.47
CA GLY A 680 13.69 -21.65 -14.92
C GLY A 680 12.31 -22.23 -15.25
N LYS A 681 12.01 -23.44 -14.75
CA LYS A 681 10.75 -24.18 -15.04
C LYS A 681 9.96 -24.49 -13.76
N HIS A 682 10.58 -24.33 -12.58
CA HIS A 682 10.01 -24.73 -11.27
C HIS A 682 9.79 -23.49 -10.41
N LYS A 683 8.54 -23.21 -10.07
CA LYS A 683 8.15 -22.03 -9.24
C LYS A 683 8.05 -22.46 -7.79
N LEU A 684 8.29 -21.53 -6.87
CA LEU A 684 8.29 -21.79 -5.41
C LEU A 684 6.86 -21.61 -4.88
N SER A 685 6.19 -20.56 -5.34
CA SER A 685 4.79 -20.24 -4.97
C SER A 685 3.87 -21.29 -5.60
N TYR A 686 2.68 -21.44 -5.05
CA TYR A 686 1.58 -22.25 -5.64
C TYR A 686 0.47 -21.32 -6.10
N GLU A 687 -0.09 -21.58 -7.29
CA GLU A 687 -1.47 -21.17 -7.64
C GLU A 687 -2.34 -21.64 -6.46
N TRP A 688 -3.23 -20.79 -5.97
CA TRP A 688 -4.03 -21.04 -4.73
C TRP A 688 -4.82 -22.34 -4.85
N ASN A 689 -5.54 -22.51 -5.96
CA ASN A 689 -6.44 -23.67 -6.19
C ASN A 689 -5.58 -24.93 -6.32
N HIS A 690 -4.38 -24.78 -6.88
CA HIS A 690 -3.40 -25.88 -7.01
C HIS A 690 -3.00 -26.37 -5.63
N TYR A 691 -2.66 -25.45 -4.71
CA TYR A 691 -2.27 -25.82 -3.33
C TYR A 691 -3.48 -26.41 -2.61
N GLU A 692 -4.62 -25.74 -2.71
CA GLU A 692 -5.90 -26.18 -2.08
C GLU A 692 -6.24 -27.60 -2.58
N GLU A 693 -6.11 -27.86 -3.89
CA GLU A 693 -6.36 -29.20 -4.50
C GLU A 693 -5.37 -30.21 -3.89
N LEU A 694 -4.10 -29.81 -3.71
CA LEU A 694 -3.02 -30.68 -3.16
C LEU A 694 -3.30 -31.02 -1.69
N TRP A 695 -3.69 -30.05 -0.86
CA TRP A 695 -3.99 -30.31 0.57
C TRP A 695 -5.15 -31.31 0.69
N ARG A 696 -6.20 -31.15 -0.14
CA ARG A 696 -7.35 -32.09 -0.22
C ARG A 696 -6.87 -33.53 -0.46
N THR A 697 -6.03 -33.72 -1.48
CA THR A 697 -5.57 -35.04 -1.97
C THR A 697 -4.74 -35.77 -0.90
N TYR A 698 -3.75 -35.10 -0.30
CA TYR A 698 -2.62 -35.75 0.42
C TYR A 698 -2.78 -35.65 1.94
N ALA A 699 -3.32 -34.55 2.46
CA ALA A 699 -3.37 -34.29 3.92
C ALA A 699 -4.21 -35.36 4.61
N PRO A 700 -5.45 -35.67 4.15
CA PRO A 700 -6.29 -36.68 4.80
C PRO A 700 -5.66 -38.07 4.90
N ARG A 701 -4.72 -38.40 4.00
CA ARG A 701 -4.07 -39.74 3.94
C ARG A 701 -3.00 -39.88 5.02
N ILE A 702 -2.55 -38.77 5.63
CA ILE A 702 -1.34 -38.78 6.51
C ILE A 702 -1.55 -38.02 7.82
N TYR A 703 -2.51 -37.08 7.86
CA TYR A 703 -2.73 -36.16 9.01
C TYR A 703 -4.09 -36.44 9.63
N ALA A 704 -4.11 -36.88 10.90
CA ALA A 704 -5.33 -37.25 11.64
C ALA A 704 -6.12 -36.00 12.03
N GLY A 705 -5.44 -34.86 12.17
CA GLY A 705 -6.05 -33.61 12.68
C GLY A 705 -5.54 -33.28 14.08
N ASN A 706 -5.71 -32.02 14.50
CA ASN A 706 -5.39 -31.52 15.86
C ASN A 706 -4.03 -32.07 16.32
N GLY A 707 -3.00 -31.93 15.48
CA GLY A 707 -1.59 -32.14 15.83
C GLY A 707 -1.15 -33.60 15.81
N ARG A 708 -2.10 -34.55 15.70
CA ARG A 708 -1.80 -36.01 15.64
C ARG A 708 -1.61 -36.42 14.17
N LEU A 709 -1.01 -37.58 13.97
CA LEU A 709 -0.77 -38.22 12.65
C LEU A 709 -1.75 -39.37 12.50
N LYS A 710 -2.14 -39.70 11.27
CA LYS A 710 -2.99 -40.88 10.94
C LYS A 710 -2.44 -42.13 11.64
N GLY A 711 -3.29 -42.84 12.39
CA GLY A 711 -2.90 -44.01 13.20
C GLY A 711 -1.97 -44.96 12.45
N LYS A 712 -2.19 -45.13 11.14
CA LYS A 712 -1.45 -46.06 10.26
C LYS A 712 0.02 -45.64 10.16
N LEU A 713 0.28 -44.33 10.01
CA LEU A 713 1.65 -43.77 9.87
C LEU A 713 2.30 -43.60 11.25
N GLU A 714 1.51 -43.40 12.30
CA GLU A 714 2.04 -43.37 13.69
C GLU A 714 2.86 -44.65 13.87
N SER A 715 4.19 -44.51 13.89
CA SER A 715 5.22 -45.60 13.92
C SER A 715 5.76 -45.89 12.51
N LYS A 716 5.20 -45.27 11.46
CA LYS A 716 5.75 -45.31 10.07
C LYS A 716 6.03 -43.87 9.58
N LYS A 717 6.19 -42.91 10.51
CA LYS A 717 6.38 -41.47 10.21
C LYS A 717 7.66 -41.26 9.40
N GLY A 718 8.72 -42.04 9.67
CA GLY A 718 10.01 -41.97 8.97
C GLY A 718 9.85 -41.96 7.45
N LEU A 719 8.76 -42.55 6.93
CA LEU A 719 8.44 -42.57 5.48
C LEU A 719 8.42 -41.14 4.93
N LEU A 720 7.67 -40.24 5.58
CA LEU A 720 7.41 -38.86 5.10
C LEU A 720 8.74 -38.14 4.86
N TRP A 721 9.74 -38.32 5.73
CA TRP A 721 11.12 -37.80 5.52
C TRP A 721 11.75 -38.48 4.30
N LYS A 722 11.62 -39.81 4.20
CA LYS A 722 12.23 -40.61 3.10
C LYS A 722 11.65 -40.14 1.76
N LEU A 723 10.36 -39.75 1.71
CA LEU A 723 9.75 -39.11 0.51
C LEU A 723 10.45 -37.77 0.25
N LEU A 724 10.52 -36.90 1.26
CA LEU A 724 11.20 -35.59 1.13
C LEU A 724 12.64 -35.84 0.64
N GLU A 725 13.31 -36.85 1.20
CA GLU A 725 14.66 -37.30 0.75
C GLU A 725 14.58 -37.71 -0.72
N ILE A 726 13.56 -38.51 -1.09
CA ILE A 726 13.35 -38.99 -2.49
C ILE A 726 13.19 -37.78 -3.42
N ARG A 727 12.20 -36.92 -3.12
CA ARG A 727 11.88 -35.71 -3.92
C ARG A 727 13.16 -34.91 -4.17
N GLU A 728 14.08 -34.87 -3.19
CA GLU A 728 15.36 -34.11 -3.30
C GLU A 728 16.20 -34.67 -4.45
N LEU A 729 16.16 -35.99 -4.69
CA LEU A 729 16.94 -36.63 -5.79
C LEU A 729 16.33 -36.26 -7.15
N TYR A 730 15.08 -35.77 -7.17
CA TYR A 730 14.42 -35.17 -8.35
C TYR A 730 14.92 -33.73 -8.55
N VAL A 731 15.08 -32.98 -7.47
CA VAL A 731 15.56 -31.56 -7.49
C VAL A 731 16.94 -31.54 -8.16
N ARG A 732 17.77 -32.54 -7.84
CA ARG A 732 19.18 -32.67 -8.34
C ARG A 732 19.16 -32.83 -9.88
N ASP A 733 18.29 -33.70 -10.41
CA ASP A 733 18.09 -33.83 -11.89
C ASP A 733 16.62 -34.11 -12.21
N PRO A 734 15.86 -33.08 -12.67
CA PRO A 734 14.45 -33.25 -12.98
C PRO A 734 14.14 -34.12 -14.22
N ASN A 735 15.15 -34.45 -15.04
CA ASN A 735 14.98 -35.26 -16.28
C ASN A 735 15.32 -36.73 -16.03
N ASP A 736 16.14 -37.03 -15.00
CA ASP A 736 16.44 -38.42 -14.58
C ASP A 736 15.16 -39.01 -13.98
N VAL A 737 14.91 -40.29 -14.26
CA VAL A 737 13.64 -40.99 -13.93
C VAL A 737 13.82 -41.74 -12.60
N ARG A 738 15.07 -41.87 -12.12
CA ARG A 738 15.46 -42.69 -10.95
C ARG A 738 14.46 -42.54 -9.78
N TRP A 739 13.87 -41.35 -9.61
CA TRP A 739 12.98 -41.06 -8.45
C TRP A 739 11.79 -42.02 -8.42
N ALA A 740 11.26 -42.41 -9.58
CA ALA A 740 10.06 -43.28 -9.72
C ALA A 740 10.43 -44.76 -9.47
N TYR A 741 11.63 -45.18 -9.89
CA TYR A 741 12.30 -46.42 -9.40
C TYR A 741 12.12 -46.49 -7.88
N LEU A 742 12.67 -45.48 -7.18
CA LEU A 742 12.98 -45.51 -5.72
C LEU A 742 11.69 -45.52 -4.89
N THR A 743 10.73 -44.62 -5.17
CA THR A 743 9.46 -44.45 -4.40
C THR A 743 8.72 -45.79 -4.30
N ALA A 744 8.69 -46.57 -5.39
CA ALA A 744 7.93 -47.83 -5.51
C ALA A 744 8.46 -48.87 -4.51
N TYR A 745 9.79 -48.96 -4.35
CA TYR A 745 10.45 -49.85 -3.35
C TYR A 745 10.18 -49.32 -1.94
N LEU A 746 10.20 -47.99 -1.77
CA LEU A 746 10.21 -47.28 -0.46
C LEU A 746 8.97 -47.64 0.36
N LEU A 747 7.77 -47.60 -0.23
CA LEU A 747 6.48 -47.87 0.47
C LEU A 747 5.96 -49.28 0.14
N GLY A 748 6.68 -50.05 -0.70
CA GLY A 748 6.40 -51.48 -0.97
C GLY A 748 7.04 -52.39 0.07
N LEU A 752 2.37 -48.96 3.59
CA LEU A 752 1.68 -49.71 2.50
C LEU A 752 1.93 -49.04 1.15
N SER A 753 1.63 -49.75 0.07
CA SER A 753 1.82 -49.34 -1.35
C SER A 753 0.76 -48.31 -1.76
N ASP A 754 -0.48 -48.49 -1.28
CA ASP A 754 -1.70 -47.76 -1.75
C ASP A 754 -1.66 -46.28 -1.35
N LEU A 755 -0.69 -45.88 -0.52
CA LEU A 755 -0.44 -44.45 -0.19
C LEU A 755 0.46 -43.86 -1.28
N PHE A 756 0.20 -42.61 -1.65
CA PHE A 756 0.91 -41.85 -2.72
C PHE A 756 1.03 -42.70 -3.98
N PRO A 757 -0.10 -43.04 -4.65
CA PRO A 757 -0.03 -43.60 -6.00
C PRO A 757 0.51 -42.54 -6.98
N GLU A 758 0.16 -41.28 -6.72
CA GLU A 758 0.33 -40.12 -7.66
C GLU A 758 1.83 -39.85 -7.93
N LEU A 759 2.76 -40.36 -7.09
CA LEU A 759 4.21 -40.02 -7.17
C LEU A 759 5.06 -41.19 -7.66
N VAL A 760 4.53 -42.40 -7.70
CA VAL A 760 5.32 -43.62 -8.07
C VAL A 760 5.51 -43.65 -9.59
N GLY A 761 4.62 -43.00 -10.34
CA GLY A 761 4.61 -43.02 -11.81
C GLY A 761 5.30 -41.81 -12.41
N ILE A 762 5.61 -41.88 -13.70
CA ILE A 762 6.15 -40.76 -14.53
C ILE A 762 4.97 -40.12 -15.25
N ASP A 763 4.62 -38.90 -14.88
CA ASP A 763 3.54 -38.11 -15.51
C ASP A 763 4.04 -37.58 -16.86
N THR A 764 3.48 -38.09 -17.97
CA THR A 764 3.87 -37.73 -19.36
C THR A 764 3.09 -36.49 -19.81
N LYS A 765 1.98 -36.18 -19.15
CA LYS A 765 1.25 -34.90 -19.35
C LYS A 765 2.22 -33.75 -19.04
N ALA A 766 2.86 -33.82 -17.88
CA ALA A 766 3.85 -32.84 -17.39
C ALA A 766 5.06 -32.78 -18.32
N VAL A 767 5.46 -33.90 -18.93
CA VAL A 767 6.60 -33.96 -19.89
C VAL A 767 6.22 -33.13 -21.14
N GLU A 768 4.99 -33.30 -21.64
CA GLU A 768 4.44 -32.51 -22.77
C GLU A 768 4.41 -31.03 -22.40
N ARG A 769 3.64 -30.69 -21.35
CA ARG A 769 3.41 -29.29 -20.89
C ARG A 769 4.69 -28.69 -20.30
N LYS A 770 5.82 -29.41 -20.41
CA LYS A 770 7.14 -29.03 -19.84
C LYS A 770 6.95 -28.59 -18.37
N GLU A 771 5.88 -29.02 -17.73
CA GLU A 771 5.59 -28.73 -16.29
C GLU A 771 6.42 -29.67 -15.42
N PRO A 772 6.67 -29.31 -14.15
CA PRO A 772 7.23 -30.23 -13.18
C PRO A 772 6.41 -31.52 -12.98
N GLN A 773 7.04 -32.51 -12.37
CA GLN A 773 6.43 -33.82 -12.00
C GLN A 773 5.74 -33.66 -10.64
N PRO A 774 4.58 -34.32 -10.44
CA PRO A 774 3.84 -34.26 -9.18
C PRO A 774 4.69 -34.29 -7.91
N VAL A 775 5.82 -34.98 -7.95
CA VAL A 775 6.76 -35.15 -6.79
C VAL A 775 7.24 -33.77 -6.34
N TYR A 776 7.48 -32.84 -7.27
CA TYR A 776 8.06 -31.49 -7.03
C TYR A 776 7.19 -30.66 -6.08
N TRP A 777 5.89 -30.99 -5.94
CA TRP A 777 4.89 -30.17 -5.20
C TRP A 777 4.60 -30.72 -3.80
N VAL A 778 4.92 -31.99 -3.57
CA VAL A 778 4.54 -32.75 -2.33
C VAL A 778 5.06 -32.02 -1.08
N ASP A 779 6.24 -31.40 -1.15
CA ASP A 779 6.95 -30.80 0.02
C ASP A 779 6.06 -29.76 0.71
N GLY A 780 5.34 -28.95 -0.08
CA GLY A 780 4.48 -27.84 0.40
C GLY A 780 3.35 -28.33 1.29
N VAL A 781 3.00 -29.61 1.19
CA VAL A 781 2.01 -30.28 2.09
C VAL A 781 2.77 -31.06 3.17
N LEU A 782 3.73 -31.91 2.78
CA LEU A 782 4.48 -32.79 3.72
C LEU A 782 5.09 -31.96 4.85
N LYS A 783 5.88 -30.93 4.51
CA LYS A 783 6.70 -30.17 5.50
C LYS A 783 5.80 -29.52 6.54
N ILE A 784 4.61 -29.07 6.13
CA ILE A 784 3.60 -28.45 7.04
C ILE A 784 3.13 -29.51 8.04
N VAL A 785 2.61 -30.62 7.53
CA VAL A 785 2.13 -31.77 8.36
C VAL A 785 3.21 -32.07 9.40
N LEU A 786 4.47 -32.23 8.95
CA LEU A 786 5.60 -32.59 9.85
C LEU A 786 5.81 -31.51 10.91
N MET A 787 5.61 -30.23 10.55
CA MET A 787 5.70 -29.09 11.50
C MET A 787 4.60 -29.21 12.56
N ALA A 788 3.43 -29.76 12.21
CA ALA A 788 2.26 -29.81 13.12
C ALA A 788 2.31 -31.04 14.03
N VAL A 789 3.18 -32.02 13.74
CA VAL A 789 3.18 -33.36 14.41
C VAL A 789 4.42 -33.53 15.29
N ARG A 790 5.10 -32.44 15.68
CA ARG A 790 6.37 -32.52 16.45
C ARG A 790 6.11 -32.26 17.94
N PRO B 2 33.35 7.60 -20.45
CA PRO B 2 34.75 7.72 -20.03
C PRO B 2 35.35 6.33 -19.71
N LYS B 3 36.67 6.26 -19.51
CA LYS B 3 37.39 4.98 -19.27
C LYS B 3 38.05 5.02 -17.88
N PHE B 4 37.94 3.92 -17.15
CA PHE B 4 38.17 3.84 -15.69
C PHE B 4 39.04 2.63 -15.35
N ILE B 5 39.68 2.68 -14.18
CA ILE B 5 40.45 1.55 -13.58
C ILE B 5 39.60 0.95 -12.48
N ALA B 6 39.14 -0.30 -12.68
CA ALA B 6 38.17 -0.98 -11.79
C ALA B 6 38.94 -1.91 -10.85
N VAL B 7 39.01 -1.53 -9.57
CA VAL B 7 39.65 -2.36 -8.51
C VAL B 7 38.70 -3.51 -8.16
N LYS B 8 38.97 -4.69 -8.72
CA LYS B 8 38.18 -5.91 -8.45
C LYS B 8 38.65 -6.54 -7.14
N LEU B 9 37.70 -6.89 -6.28
CA LEU B 9 37.94 -7.53 -4.96
C LEU B 9 37.54 -9.01 -5.04
N ILE B 10 38.42 -9.87 -5.56
CA ILE B 10 38.16 -11.34 -5.65
C ILE B 10 38.07 -11.88 -4.23
N PRO B 11 36.86 -12.29 -3.76
CA PRO B 11 36.64 -12.53 -2.34
C PRO B 11 37.07 -13.91 -1.83
N LYS B 12 38.24 -13.95 -1.18
CA LYS B 12 38.73 -15.07 -0.33
C LYS B 12 37.90 -15.13 0.95
N GLY B 13 36.66 -15.62 0.87
CA GLY B 13 35.73 -15.72 2.00
C GLY B 13 34.58 -14.73 1.89
N PRO B 14 33.57 -14.84 2.77
CA PRO B 14 32.32 -14.07 2.65
C PRO B 14 32.28 -12.74 3.39
N PHE B 15 31.75 -11.71 2.72
CA PHE B 15 31.70 -10.29 3.18
C PHE B 15 30.60 -10.10 4.21
N ARG B 16 30.55 -8.91 4.80
CA ARG B 16 29.61 -8.53 5.91
C ARG B 16 28.62 -7.46 5.44
N ASP B 17 28.80 -6.97 4.21
CA ASP B 17 28.17 -5.73 3.67
C ASP B 17 28.66 -5.53 2.24
N ILE B 18 27.99 -4.66 1.47
CA ILE B 18 28.57 -4.10 0.21
C ILE B 18 29.00 -2.68 0.50
N PRO B 19 30.32 -2.40 0.48
CA PRO B 19 30.83 -1.13 0.99
C PRO B 19 30.70 0.02 -0.03
N ARG B 20 29.83 0.98 0.26
CA ARG B 20 29.69 2.20 -0.56
C ARG B 20 30.93 3.08 -0.37
N ALA B 21 31.09 4.11 -1.19
CA ALA B 21 32.36 4.83 -1.40
C ALA B 21 32.81 5.49 -0.08
N ASP B 22 31.87 5.90 0.77
CA ASP B 22 32.19 6.67 2.01
C ASP B 22 32.99 5.76 2.97
N THR B 23 32.77 4.45 2.95
CA THR B 23 33.46 3.49 3.86
C THR B 23 34.65 2.84 3.15
N LEU B 24 34.60 2.68 1.81
CA LEU B 24 35.78 2.28 1.02
C LEU B 24 36.89 3.31 1.26
N PHE B 25 36.59 4.60 1.06
CA PHE B 25 37.54 5.70 1.28
C PHE B 25 38.02 5.66 2.74
N GLY B 26 37.11 5.41 3.68
CA GLY B 26 37.38 5.35 5.13
C GLY B 26 38.39 4.26 5.47
N ALA B 27 38.32 3.10 4.81
CA ALA B 27 39.27 1.98 4.99
C ALA B 27 40.59 2.30 4.29
N ILE B 28 40.52 2.87 3.08
CA ILE B 28 41.73 3.28 2.30
C ILE B 28 42.53 4.28 3.15
N GLY B 29 41.84 5.22 3.83
CA GLY B 29 42.48 6.22 4.70
C GLY B 29 43.15 5.58 5.90
N ASN B 30 42.42 4.71 6.63
CA ASN B 30 42.92 3.99 7.83
C ASN B 30 44.14 3.15 7.47
N ALA B 31 44.14 2.54 6.27
CA ALA B 31 45.26 1.70 5.78
C ALA B 31 46.48 2.58 5.52
N ILE B 32 46.27 3.77 4.95
CA ILE B 32 47.37 4.72 4.61
C ILE B 32 47.93 5.28 5.92
N SER B 33 47.04 5.64 6.85
CA SER B 33 47.40 6.09 8.22
C SER B 33 48.30 5.03 8.87
N ALA B 34 47.93 3.75 8.74
CA ALA B 34 48.66 2.61 9.34
C ALA B 34 50.02 2.47 8.67
N ILE B 35 50.07 2.44 7.34
CA ILE B 35 51.32 2.18 6.55
C ILE B 35 52.23 3.42 6.59
N HIS B 36 51.68 4.59 6.23
CA HIS B 36 52.42 5.86 5.97
C HIS B 36 52.17 6.89 7.07
N GLY B 37 50.89 7.15 7.39
CA GLY B 37 50.49 8.19 8.36
C GLY B 37 49.91 9.42 7.66
N GLN B 38 49.52 10.41 8.46
CA GLN B 38 48.78 11.63 8.06
C GLN B 38 49.34 12.28 6.79
N SER B 39 50.66 12.49 6.73
CA SER B 39 51.35 13.23 5.64
C SER B 39 50.78 12.82 4.28
N ALA B 40 50.47 11.53 4.11
CA ALA B 40 49.94 10.91 2.87
C ALA B 40 48.42 11.10 2.80
N VAL B 41 47.71 10.89 3.91
CA VAL B 41 46.23 11.02 4.03
C VAL B 41 45.80 12.43 3.60
N GLU B 42 46.52 13.45 4.04
CA GLU B 42 46.28 14.87 3.65
C GLU B 42 46.45 15.00 2.13
N GLU B 43 47.41 14.28 1.55
CA GLU B 43 47.66 14.29 0.09
C GLU B 43 46.68 13.35 -0.61
N LEU B 44 46.17 12.33 0.09
CA LEU B 44 45.11 11.42 -0.43
C LEU B 44 43.81 12.22 -0.59
N VAL B 45 43.42 12.96 0.45
CA VAL B 45 42.26 13.91 0.42
C VAL B 45 42.48 14.91 -0.72
N ASP B 46 43.61 15.63 -0.72
CA ASP B 46 43.89 16.73 -1.68
C ASP B 46 43.83 16.18 -3.12
N ALA B 47 44.20 14.92 -3.33
CA ALA B 47 44.12 14.25 -4.66
C ALA B 47 42.65 14.16 -5.08
N PHE B 48 41.76 13.87 -4.14
CA PHE B 48 40.30 13.68 -4.37
C PHE B 48 39.64 15.04 -4.56
N VAL B 49 39.82 15.95 -3.61
CA VAL B 49 39.35 17.36 -3.71
C VAL B 49 39.81 17.91 -5.07
N GLY B 50 41.05 17.58 -5.44
CA GLY B 50 41.74 18.06 -6.65
C GLY B 50 41.31 17.35 -7.93
N GLY B 51 40.44 16.33 -7.86
CA GLY B 51 39.81 15.77 -9.08
C GLY B 51 39.47 14.30 -8.99
N ALA B 52 40.30 13.48 -8.32
CA ALA B 52 40.20 12.00 -8.34
C ALA B 52 38.93 11.57 -7.60
N ARG B 53 38.40 10.39 -7.97
CA ARG B 53 37.11 9.87 -7.46
C ARG B 53 37.18 8.34 -7.36
N ILE B 54 36.45 7.77 -6.39
CA ILE B 54 36.14 6.32 -6.32
C ILE B 54 34.63 6.16 -6.24
N SER B 55 34.09 5.16 -6.96
CA SER B 55 32.66 4.82 -6.94
C SER B 55 32.40 3.96 -5.70
N SER B 56 31.12 3.75 -5.36
CA SER B 56 30.68 2.74 -4.36
C SER B 56 31.15 1.37 -4.84
N ALA B 57 30.87 0.31 -4.08
CA ALA B 57 31.14 -1.08 -4.47
C ALA B 57 29.89 -1.66 -5.16
N PHE B 58 30.08 -2.42 -6.23
CA PHE B 58 29.00 -3.06 -7.02
C PHE B 58 29.33 -4.52 -7.31
N PRO B 59 28.30 -5.37 -7.49
CA PRO B 59 28.51 -6.78 -7.82
C PRO B 59 29.05 -6.99 -9.24
N TYR B 60 29.90 -8.01 -9.41
CA TYR B 60 30.31 -8.57 -10.72
C TYR B 60 30.13 -10.10 -10.70
N SER B 61 30.17 -10.72 -11.88
CA SER B 61 29.98 -12.18 -12.08
C SER B 61 30.68 -12.63 -13.36
N GLY B 62 31.89 -13.17 -13.24
CA GLY B 62 32.72 -13.64 -14.37
C GLY B 62 33.33 -12.47 -15.12
N ASP B 63 32.76 -12.12 -16.28
CA ASP B 63 33.13 -10.91 -17.07
C ASP B 63 31.94 -9.95 -17.11
N THR B 64 30.96 -10.12 -16.22
CA THR B 64 29.74 -9.26 -16.13
C THR B 64 29.89 -8.30 -14.95
N TYR B 65 30.14 -7.02 -15.21
CA TYR B 65 30.14 -5.93 -14.19
C TYR B 65 28.76 -5.29 -14.15
N TYR B 66 28.19 -5.19 -12.96
CA TYR B 66 26.88 -4.54 -12.68
C TYR B 66 27.13 -3.11 -12.21
N LEU B 67 26.11 -2.26 -12.32
CA LEU B 67 26.15 -0.81 -12.01
C LEU B 67 24.80 -0.43 -11.43
N PRO B 68 24.68 0.72 -10.72
CA PRO B 68 23.41 1.12 -10.15
C PRO B 68 22.52 1.69 -11.27
N LYS B 69 21.31 1.16 -11.38
CA LYS B 69 20.23 1.72 -12.25
C LYS B 69 20.10 3.21 -11.95
N PRO B 70 20.31 4.10 -12.94
CA PRO B 70 20.13 5.53 -12.72
C PRO B 70 18.65 5.84 -12.50
N LEU B 71 18.34 6.61 -11.45
CA LEU B 71 16.95 6.95 -11.04
C LEU B 71 16.25 7.79 -12.10
N SER B 72 16.98 8.28 -13.10
CA SER B 72 16.43 9.06 -14.23
C SER B 72 15.41 8.23 -15.04
N VAL B 73 15.47 6.90 -15.01
CA VAL B 73 14.62 6.01 -15.84
C VAL B 73 13.24 5.87 -15.19
N GLU B 74 13.15 6.07 -13.87
CA GLU B 74 11.92 5.81 -13.08
C GLU B 74 10.76 6.65 -13.61
N PRO B 75 10.85 7.99 -13.76
CA PRO B 75 9.72 8.77 -14.27
C PRO B 75 9.45 8.65 -15.78
N ALA B 76 10.35 8.03 -16.56
CA ALA B 76 10.30 7.99 -18.03
C ALA B 76 9.86 6.60 -18.52
N LEU B 77 9.37 5.73 -17.64
CA LEU B 77 9.22 4.27 -17.93
C LEU B 77 8.29 4.05 -19.11
N GLU B 78 7.20 4.82 -19.21
CA GLU B 78 6.13 4.62 -20.24
C GLU B 78 6.66 5.08 -21.60
N GLY B 79 7.62 6.01 -21.63
CA GLY B 79 8.38 6.38 -22.84
C GLY B 79 9.09 5.19 -23.46
N ASP B 85 0.96 -3.04 -24.45
CA ASP B 85 -0.02 -3.85 -23.67
C ASP B 85 -0.29 -3.15 -22.33
N GLU B 86 -1.49 -3.33 -21.77
CA GLU B 86 -1.88 -2.86 -20.41
C GLU B 86 -1.15 -3.71 -19.36
N GLU B 87 -1.50 -5.00 -19.26
CA GLU B 87 -1.04 -5.92 -18.17
C GLU B 87 0.38 -6.43 -18.43
N GLU B 88 1.08 -5.93 -19.46
CA GLU B 88 2.54 -6.10 -19.61
C GLU B 88 3.27 -4.84 -19.14
N ARG B 89 2.66 -3.66 -19.29
CA ARG B 89 3.24 -2.37 -18.84
C ARG B 89 3.27 -2.32 -17.31
N TYR B 90 2.20 -2.74 -16.63
CA TYR B 90 2.11 -2.74 -15.15
C TYR B 90 3.29 -3.53 -14.56
N THR B 91 3.36 -4.83 -14.86
CA THR B 91 4.23 -5.81 -14.14
C THR B 91 5.70 -5.42 -14.33
N THR B 92 6.17 -5.35 -15.59
CA THR B 92 7.58 -5.06 -15.92
C THR B 92 7.97 -3.69 -15.34
N ALA B 93 7.15 -2.65 -15.55
CA ALA B 93 7.42 -1.26 -15.10
C ALA B 93 7.59 -1.20 -13.58
N LYS B 94 6.95 -2.10 -12.82
CA LYS B 94 7.19 -2.21 -11.36
C LYS B 94 8.54 -2.91 -11.12
N ARG B 95 8.87 -3.93 -11.91
CA ARG B 95 10.13 -4.71 -11.75
C ARG B 95 11.32 -3.86 -12.21
N LEU B 96 11.09 -2.84 -13.08
CA LEU B 96 12.13 -1.84 -13.45
C LEU B 96 12.27 -0.84 -12.30
N ARG B 97 11.16 -0.40 -11.69
CA ARG B 97 11.15 0.51 -10.52
C ARG B 97 11.81 -0.17 -9.31
N LYS B 98 11.66 -1.49 -9.18
CA LYS B 98 12.27 -2.29 -8.08
C LYS B 98 13.77 -2.50 -8.37
N ALA B 99 14.14 -2.76 -9.62
CA ALA B 99 15.52 -3.10 -10.02
C ALA B 99 16.50 -2.13 -9.35
N LYS B 100 17.55 -2.65 -8.72
CA LYS B 100 18.62 -1.85 -8.08
C LYS B 100 19.82 -1.75 -9.03
N TYR B 101 20.21 -2.86 -9.67
CA TYR B 101 21.40 -2.96 -10.57
C TYR B 101 21.01 -3.36 -12.01
N LEU B 102 21.83 -2.91 -12.96
CA LEU B 102 21.81 -3.28 -14.40
C LEU B 102 23.22 -3.72 -14.78
N ASP B 103 23.37 -4.59 -15.78
CA ASP B 103 24.70 -4.91 -16.37
C ASP B 103 25.13 -3.69 -17.19
N LEU B 104 26.39 -3.66 -17.62
CA LEU B 104 27.01 -2.48 -18.28
C LEU B 104 26.26 -2.16 -19.57
N LYS B 105 25.87 -3.17 -20.36
CA LYS B 105 25.15 -2.95 -21.64
C LYS B 105 23.89 -2.15 -21.35
N ASN B 106 23.03 -2.68 -20.47
CA ASN B 106 21.71 -2.06 -20.15
C ASN B 106 21.91 -0.74 -19.40
N PHE B 107 22.96 -0.63 -18.58
CA PHE B 107 23.33 0.63 -17.88
C PHE B 107 23.59 1.73 -18.92
N GLU B 108 24.41 1.44 -19.94
CA GLU B 108 24.76 2.41 -21.01
C GLU B 108 23.52 2.80 -21.82
N LEU B 109 22.54 1.89 -21.92
CA LEU B 109 21.23 2.14 -22.58
C LEU B 109 20.35 3.00 -21.65
N ALA B 110 20.38 2.72 -20.35
CA ALA B 110 19.57 3.42 -19.33
C ALA B 110 19.94 4.91 -19.32
N LEU B 111 21.21 5.24 -19.56
CA LEU B 111 21.68 6.66 -19.54
C LEU B 111 21.01 7.42 -20.68
N ARG B 112 20.75 6.77 -21.81
CA ARG B 112 20.22 7.39 -23.06
C ARG B 112 18.71 7.14 -23.19
N LEU B 113 18.02 6.88 -22.07
CA LEU B 113 16.57 6.55 -22.02
C LEU B 113 16.18 5.73 -23.25
N ARG B 114 16.97 4.70 -23.56
CA ARG B 114 16.63 3.71 -24.60
C ARG B 114 16.00 2.53 -23.89
N PRO B 115 15.28 1.65 -24.62
CA PRO B 115 14.79 0.41 -24.02
C PRO B 115 15.95 -0.46 -23.52
N PHE B 116 15.75 -1.11 -22.36
CA PHE B 116 16.75 -1.94 -21.66
C PHE B 116 16.05 -2.96 -20.76
N THR B 117 16.74 -4.06 -20.47
CA THR B 117 16.24 -5.22 -19.68
C THR B 117 16.96 -5.28 -18.33
N ILE B 118 16.48 -6.16 -17.45
CA ILE B 118 16.95 -6.30 -16.03
C ILE B 118 17.78 -7.57 -15.93
N PRO B 119 18.80 -7.62 -15.05
CA PRO B 119 19.46 -8.88 -14.71
C PRO B 119 18.49 -9.78 -13.93
N GLU B 120 18.23 -10.99 -14.44
CA GLU B 120 17.32 -11.96 -13.78
C GLU B 120 18.01 -12.50 -12.52
N GLU B 121 19.30 -12.83 -12.62
CA GLU B 121 20.09 -13.43 -11.52
C GLU B 121 21.14 -12.45 -11.02
N ILE B 122 21.25 -12.30 -9.70
CA ILE B 122 22.23 -11.40 -9.00
C ILE B 122 23.24 -12.26 -8.26
N PRO B 123 24.55 -12.02 -8.41
CA PRO B 123 25.59 -12.94 -7.95
C PRO B 123 25.86 -12.97 -6.44
N TYR B 124 25.17 -12.14 -5.65
CA TYR B 124 25.29 -12.10 -4.17
C TYR B 124 23.94 -12.48 -3.55
N ALA B 125 23.96 -12.90 -2.27
CA ALA B 125 22.77 -13.34 -1.52
C ALA B 125 22.95 -13.02 -0.02
N ARG B 126 22.02 -12.23 0.53
CA ARG B 126 22.00 -11.83 1.96
C ARG B 126 21.44 -12.98 2.79
N VAL B 127 22.32 -13.89 3.21
CA VAL B 127 22.08 -14.87 4.31
C VAL B 127 22.24 -14.12 5.63
N ASP B 128 21.26 -14.20 6.53
CA ASP B 128 21.41 -13.75 7.94
C ASP B 128 21.45 -14.99 8.83
N VAL B 129 22.66 -15.37 9.26
CA VAL B 129 22.92 -16.57 10.12
C VAL B 129 22.49 -16.22 11.54
N PRO B 130 21.72 -17.10 12.23
CA PRO B 130 21.35 -16.86 13.62
C PRO B 130 22.26 -17.50 14.68
N ARG B 131 22.46 -16.78 15.80
CA ARG B 131 23.03 -17.31 17.07
C ARG B 131 22.32 -16.66 18.26
N PHE B 145 21.41 -11.78 15.89
CA PHE B 145 22.27 -12.37 14.83
C PHE B 145 22.57 -11.33 13.74
N TRP B 146 23.66 -11.54 12.99
CA TRP B 146 24.09 -10.70 11.84
C TRP B 146 23.86 -11.46 10.53
N GLU B 147 24.34 -10.90 9.43
CA GLU B 147 24.26 -11.50 8.07
C GLU B 147 25.56 -11.28 7.31
N GLU B 148 25.83 -12.18 6.36
CA GLU B 148 26.98 -12.11 5.42
C GLU B 148 26.43 -11.98 4.00
N ILE B 149 27.34 -12.00 3.02
CA ILE B 149 27.01 -11.94 1.57
C ILE B 149 27.84 -12.99 0.86
N ARG B 150 27.18 -14.02 0.35
CA ARG B 150 27.81 -15.20 -0.30
C ARG B 150 27.89 -14.94 -1.79
N PHE B 151 29.11 -14.94 -2.32
CA PHE B 151 29.41 -14.64 -3.74
C PHE B 151 29.42 -15.95 -4.53
N ARG B 152 28.71 -15.93 -5.65
CA ARG B 152 28.75 -16.99 -6.68
C ARG B 152 30.19 -17.08 -7.19
N GLU B 153 30.49 -18.08 -8.01
CA GLU B 153 31.87 -18.40 -8.48
C GLU B 153 32.35 -17.35 -9.47
N LYS B 154 33.64 -16.99 -9.37
CA LYS B 154 34.30 -15.92 -10.16
C LYS B 154 33.47 -14.64 -10.07
N SER B 155 32.73 -14.48 -8.97
CA SER B 155 31.84 -13.34 -8.68
C SER B 155 32.30 -12.70 -7.37
N GLY B 156 32.64 -11.41 -7.43
CA GLY B 156 33.14 -10.64 -6.29
C GLY B 156 32.42 -9.32 -6.22
N VAL B 157 33.17 -8.28 -5.91
CA VAL B 157 32.71 -6.87 -5.99
C VAL B 157 33.87 -6.06 -6.55
N TYR B 158 33.54 -5.00 -7.26
CA TYR B 158 34.53 -4.03 -7.79
C TYR B 158 34.12 -2.65 -7.30
N PHE B 159 35.02 -1.69 -7.49
CA PHE B 159 34.72 -0.25 -7.45
C PHE B 159 35.63 0.40 -8.47
N LEU B 160 35.26 1.59 -8.92
CA LEU B 160 36.00 2.32 -9.97
C LEU B 160 36.82 3.40 -9.31
N TYR B 161 37.86 3.81 -10.01
CA TYR B 161 38.74 4.94 -9.65
C TYR B 161 39.00 5.75 -10.93
N SER B 162 38.57 7.01 -10.96
CA SER B 162 38.99 7.99 -11.99
C SER B 162 39.97 8.97 -11.34
N GLY B 163 41.01 9.35 -12.08
CA GLY B 163 42.04 10.29 -11.60
C GLY B 163 43.44 9.88 -12.03
N PRO B 164 44.46 10.67 -11.66
CA PRO B 164 45.82 10.46 -12.13
C PRO B 164 46.37 9.09 -11.72
N ARG B 165 47.21 8.51 -12.58
CA ARG B 165 47.83 7.18 -12.38
C ARG B 165 48.78 7.23 -11.16
N GLU B 166 49.66 8.25 -11.12
CA GLU B 166 50.66 8.45 -10.04
C GLU B 166 50.01 8.28 -8.66
N VAL B 167 48.72 8.63 -8.51
CA VAL B 167 47.98 8.62 -7.23
C VAL B 167 47.38 7.23 -6.98
N PHE B 168 47.10 6.45 -8.02
CA PHE B 168 46.59 5.06 -7.87
C PHE B 168 47.75 4.14 -7.48
N ASP B 169 48.83 4.13 -8.27
CA ASP B 169 50.08 3.39 -7.96
C ASP B 169 50.59 3.81 -6.57
N GLY B 170 50.54 5.13 -6.29
CA GLY B 170 50.97 5.72 -5.02
C GLY B 170 50.10 5.31 -3.84
N TYR B 171 48.84 5.74 -3.80
CA TYR B 171 48.00 5.73 -2.56
C TYR B 171 46.97 4.58 -2.59
N ILE B 172 46.12 4.48 -3.62
CA ILE B 172 44.93 3.57 -3.55
C ILE B 172 45.38 2.10 -3.65
N ALA B 173 46.13 1.75 -4.69
CA ALA B 173 46.57 0.35 -4.96
C ALA B 173 47.29 -0.22 -3.74
N PRO B 174 48.32 0.45 -3.15
CA PRO B 174 49.00 -0.08 -1.98
C PRO B 174 48.05 -0.25 -0.78
N ALA B 175 47.10 0.68 -0.61
CA ALA B 175 46.10 0.65 0.48
C ALA B 175 45.16 -0.54 0.26
N MET B 176 44.78 -0.81 -0.98
CA MET B 176 43.87 -1.95 -1.33
C MET B 176 44.62 -3.26 -1.12
N ARG B 177 45.85 -3.36 -1.64
CA ARG B 177 46.76 -4.51 -1.41
C ARG B 177 46.83 -4.76 0.10
N PHE B 178 47.23 -3.73 0.86
CA PHE B 178 47.40 -3.78 2.33
C PHE B 178 46.08 -4.23 2.99
N LEU B 179 44.94 -3.68 2.56
CA LEU B 179 43.60 -4.08 3.06
C LEU B 179 43.33 -5.56 2.70
N GLY B 180 43.93 -6.03 1.61
CA GLY B 180 43.78 -7.41 1.08
C GLY B 180 44.49 -8.43 1.95
N ASP B 181 45.82 -8.48 1.87
CA ASP B 181 46.69 -9.38 2.70
C ASP B 181 46.32 -10.85 2.43
N LEU B 194 40.69 -10.84 3.77
CA LEU B 194 39.29 -11.25 3.46
C LEU B 194 39.04 -11.32 1.95
N PHE B 195 39.96 -10.80 1.13
CA PHE B 195 39.85 -10.79 -0.35
C PHE B 195 41.23 -10.62 -0.96
N GLU B 196 41.28 -10.63 -2.28
CA GLU B 196 42.47 -10.37 -3.10
C GLU B 196 42.08 -9.31 -4.13
N VAL B 197 43.08 -8.71 -4.78
CA VAL B 197 42.89 -7.51 -5.63
C VAL B 197 43.58 -7.76 -6.96
N GLU B 198 42.81 -7.73 -8.04
CA GLU B 198 43.29 -7.49 -9.41
C GLU B 198 42.52 -6.28 -9.92
N PHE B 199 42.92 -5.72 -11.05
CA PHE B 199 42.24 -4.54 -11.64
C PHE B 199 42.52 -4.48 -13.14
N HIS B 200 41.65 -3.78 -13.85
CA HIS B 200 41.69 -3.61 -15.32
C HIS B 200 41.20 -2.23 -15.71
N GLU B 201 41.48 -1.85 -16.96
CA GLU B 201 40.77 -0.77 -17.69
C GLU B 201 39.29 -1.14 -17.74
N MET B 202 38.42 -0.17 -18.02
CA MET B 202 36.95 -0.37 -18.15
C MET B 202 36.34 0.88 -18.77
N LYS B 203 35.71 0.76 -19.94
CA LYS B 203 35.03 1.90 -20.60
C LYS B 203 33.54 1.88 -20.22
N ILE B 204 32.98 3.07 -20.01
CA ILE B 204 31.51 3.32 -19.94
C ILE B 204 31.17 4.40 -20.96
N ASP B 205 30.44 4.03 -22.00
CA ASP B 205 29.84 5.01 -22.94
C ASP B 205 28.69 5.69 -22.19
N ALA B 206 28.89 6.95 -21.79
CA ALA B 206 27.82 7.81 -21.26
C ALA B 206 27.63 8.99 -22.21
N PRO B 207 26.38 9.32 -22.59
CA PRO B 207 26.13 10.47 -23.46
C PRO B 207 26.70 11.72 -22.80
N GLY B 208 27.10 12.73 -23.59
CA GLY B 208 27.34 14.08 -23.06
C GLY B 208 26.03 14.63 -22.55
N SER B 209 26.04 15.30 -21.39
CA SER B 209 24.81 15.88 -20.77
C SER B 209 25.22 16.86 -19.67
N GLU B 210 24.32 17.79 -19.37
CA GLU B 210 24.46 18.74 -18.22
C GLU B 210 24.19 17.96 -16.93
N TYR B 211 23.39 16.89 -17.02
CA TYR B 211 22.99 16.04 -15.88
C TYR B 211 23.90 14.82 -15.82
N SER B 212 24.18 14.35 -14.61
CA SER B 212 25.07 13.18 -14.35
C SER B 212 24.49 12.27 -13.25
N VAL B 213 24.85 11.00 -13.30
CA VAL B 213 24.56 9.97 -12.25
C VAL B 213 25.81 9.82 -11.39
N THR B 214 25.69 9.91 -10.07
CA THR B 214 26.78 9.49 -9.15
C THR B 214 26.78 7.97 -9.02
N LEU B 215 27.97 7.39 -9.13
CA LEU B 215 28.23 5.97 -8.83
C LEU B 215 28.83 5.85 -7.43
N SER B 216 28.95 6.97 -6.71
CA SER B 216 29.19 6.99 -5.24
C SER B 216 27.98 7.64 -4.57
N ASN B 217 27.66 7.18 -3.37
CA ASN B 217 26.84 7.98 -2.41
C ASN B 217 27.57 9.31 -2.18
N ALA B 218 26.85 10.43 -2.24
CA ALA B 218 27.42 11.79 -2.21
C ALA B 218 26.77 12.62 -1.10
N LEU B 219 27.48 13.65 -0.64
CA LEU B 219 26.94 14.79 0.15
C LEU B 219 26.81 15.97 -0.80
N PRO B 220 25.58 16.32 -1.25
CA PRO B 220 25.41 17.34 -2.28
C PRO B 220 25.66 18.76 -1.75
N THR B 221 25.91 19.71 -2.67
CA THR B 221 26.16 21.15 -2.39
C THR B 221 25.02 22.00 -2.96
N LYS B 222 24.62 21.74 -4.21
CA LYS B 222 23.30 22.19 -4.75
C LYS B 222 22.26 21.20 -4.24
N THR B 223 20.97 21.50 -4.40
CA THR B 223 19.90 20.47 -4.24
C THR B 223 19.84 19.68 -5.54
N PRO B 224 19.92 18.33 -5.48
CA PRO B 224 19.97 17.51 -6.69
C PRO B 224 18.69 17.55 -7.54
N VAL B 225 18.64 16.70 -8.57
CA VAL B 225 17.52 16.55 -9.54
C VAL B 225 16.54 15.49 -9.03
N LEU B 226 16.92 14.21 -9.15
CA LEU B 226 16.19 13.03 -8.61
C LEU B 226 17.12 12.33 -7.62
N TRP B 227 16.56 11.69 -6.59
CA TRP B 227 17.42 11.03 -5.56
C TRP B 227 16.60 10.15 -4.63
N ARG B 228 17.32 9.27 -3.93
CA ARG B 228 16.83 8.59 -2.71
C ARG B 228 17.79 8.93 -1.59
N LEU B 229 17.25 9.39 -0.46
CA LEU B 229 18.07 9.71 0.74
C LEU B 229 18.64 8.43 1.31
N LEU B 230 19.75 8.58 2.02
CA LEU B 230 20.52 7.47 2.63
C LEU B 230 21.02 7.97 3.98
N ARG B 231 20.63 7.30 5.06
CA ARG B 231 20.92 7.73 6.45
C ARG B 231 22.06 6.88 7.02
N LYS B 232 23.00 7.53 7.70
CA LYS B 232 24.21 6.88 8.30
C LYS B 232 24.60 7.59 9.59
N ARG B 243 26.24 10.96 12.22
CA ARG B 243 25.07 10.72 11.35
C ARG B 243 25.02 11.75 10.22
N MET B 244 24.99 11.27 8.98
CA MET B 244 24.99 12.10 7.74
C MET B 244 23.84 11.62 6.85
N THR B 245 23.13 12.54 6.20
CA THR B 245 22.22 12.24 5.07
C THR B 245 23.04 12.28 3.78
N PHE B 246 23.28 11.10 3.20
CA PHE B 246 23.82 10.96 1.83
C PHE B 246 22.67 10.89 0.84
N ILE B 247 23.04 11.15 -0.41
CA ILE B 247 22.27 10.87 -1.64
C ILE B 247 22.75 9.51 -2.13
N ALA B 248 21.84 8.62 -2.52
CA ALA B 248 22.16 7.21 -2.84
C ALA B 248 22.91 7.13 -4.16
N GLU B 249 23.71 6.06 -4.33
CA GLU B 249 24.23 5.62 -5.65
C GLU B 249 23.04 5.60 -6.62
N GLY B 250 23.16 6.27 -7.77
CA GLY B 250 22.14 6.29 -8.83
C GLY B 250 21.31 7.56 -8.85
N SER B 251 21.46 8.44 -7.86
CA SER B 251 20.78 9.77 -7.84
C SER B 251 21.35 10.65 -8.97
N ILE B 252 20.62 11.70 -9.33
CA ILE B 252 20.91 12.56 -10.52
C ILE B 252 21.28 13.97 -10.05
N VAL B 253 22.28 14.57 -10.68
CA VAL B 253 22.87 15.87 -10.24
C VAL B 253 23.14 16.76 -11.45
N LYS B 254 23.07 18.08 -11.27
CA LYS B 254 23.47 19.08 -12.30
C LYS B 254 24.74 19.79 -11.82
N ASN B 255 25.89 19.20 -12.15
CA ASN B 255 27.25 19.77 -11.92
C ASN B 255 27.53 19.88 -10.42
N ASP B 256 27.15 18.86 -9.65
CA ASP B 256 27.39 18.79 -8.20
C ASP B 256 28.64 17.95 -7.98
N PRO B 257 29.78 18.54 -7.54
CA PRO B 257 31.01 17.76 -7.36
C PRO B 257 30.91 16.82 -6.16
N GLY B 258 29.88 16.99 -5.33
CA GLY B 258 29.87 16.48 -3.96
C GLY B 258 30.84 17.29 -3.14
N GLY B 259 31.31 16.73 -2.02
CA GLY B 259 32.20 17.45 -1.11
C GLY B 259 32.60 16.55 0.02
N MET B 260 33.73 16.85 0.64
CA MET B 260 34.24 16.09 1.80
C MET B 260 34.01 16.93 3.05
N GLU B 261 33.82 16.27 4.19
CA GLU B 261 33.55 16.97 5.46
C GLU B 261 34.51 16.46 6.53
N ARG B 262 35.19 17.41 7.17
CA ARG B 262 36.20 17.21 8.24
C ARG B 262 35.55 17.61 9.57
N LEU B 263 35.79 16.82 10.61
CA LEU B 263 35.15 16.95 11.94
C LEU B 263 36.08 16.33 12.98
N GLU B 264 35.82 16.60 14.26
CA GLU B 264 36.66 16.16 15.40
C GLU B 264 35.87 15.17 16.26
N LEU B 265 36.42 13.97 16.47
CA LEU B 265 35.89 12.95 17.42
C LEU B 265 37.04 12.35 18.23
N GLU B 270 42.16 14.09 12.78
CA GLU B 270 40.86 14.65 12.32
C GLU B 270 40.39 13.90 11.07
N VAL B 271 39.27 13.20 11.16
CA VAL B 271 38.80 12.23 10.13
C VAL B 271 37.98 12.98 9.08
N TYR B 272 38.21 12.64 7.79
CA TYR B 272 37.49 13.17 6.61
C TYR B 272 36.48 12.13 6.15
N VAL B 273 35.29 12.59 5.74
CA VAL B 273 34.16 11.71 5.30
C VAL B 273 33.91 11.96 3.81
N TYR B 274 34.04 10.90 2.99
CA TYR B 274 33.99 10.98 1.51
C TYR B 274 32.54 11.08 1.04
N GLY B 275 32.19 12.24 0.49
CA GLY B 275 30.85 12.55 -0.03
C GLY B 275 30.91 13.08 -1.46
N LEU B 276 31.96 12.76 -2.20
CA LEU B 276 32.17 13.27 -3.58
C LEU B 276 31.32 12.45 -4.56
N THR B 277 30.87 13.11 -5.63
CA THR B 277 30.10 12.52 -6.75
C THR B 277 31.06 11.78 -7.70
N PHE B 278 30.59 10.70 -8.33
CA PHE B 278 31.33 9.95 -9.37
C PHE B 278 30.58 10.09 -10.70
N PRO B 279 30.56 11.30 -11.29
CA PRO B 279 29.52 11.65 -12.26
C PRO B 279 29.72 11.00 -13.63
N LEU B 280 28.61 10.53 -14.20
CA LEU B 280 28.52 9.97 -15.57
C LEU B 280 27.32 10.59 -16.28
N GLY B 281 27.54 11.03 -17.52
CA GLY B 281 26.53 11.72 -18.33
C GLY B 281 25.28 10.87 -18.43
N VAL B 282 24.12 11.47 -18.17
CA VAL B 282 22.79 10.80 -18.24
C VAL B 282 21.81 11.75 -18.96
N GLU B 283 20.91 11.18 -19.75
CA GLU B 283 19.83 11.93 -20.45
C GLU B 283 18.55 11.83 -19.60
N LEU B 284 17.82 12.94 -19.50
CA LEU B 284 16.56 13.06 -18.72
C LEU B 284 15.37 13.16 -19.66
N PRO B 285 14.19 12.69 -19.22
CA PRO B 285 12.94 13.00 -19.92
C PRO B 285 12.54 14.45 -19.60
N GLU B 286 11.52 14.96 -20.29
CA GLU B 286 10.86 16.24 -19.93
C GLU B 286 9.87 15.95 -18.80
N GLY B 287 10.01 16.64 -17.67
CA GLY B 287 9.19 16.45 -16.46
C GLY B 287 9.51 17.47 -15.38
NI NI C . -31.98 12.92 -10.46
#